data_2Y1T
#
_entry.id   2Y1T
#
_cell.length_a   99.515
_cell.length_b   99.338
_cell.length_c   99.306
_cell.angle_alpha   90.00
_cell.angle_beta   90.00
_cell.angle_gamma   90.00
#
_symmetry.space_group_name_H-M   'P 21 21 21'
#
loop_
_entity.id
_entity.type
_entity.pdbx_description
1 polymer "SPBC2 PROPHAGE-DERIVED DEOXYURIDINE 5'-TRIPHOSPHATE NUCLEOTIDOHYDROLASE YOSS"
2 non-polymer "DEOXYURIDINE-5'-DIPHOSPHATE"
3 water water
#
_entity_poly.entity_id   1
_entity_poly.type   'polypeptide(L)'
_entity_poly.pdbx_seq_one_letter_code
;MQIKIKYLDETQTRINKMEQGDWIDLRAAEDVAIKKDEFKLVPLGVAMELPEGYEAHVVPRSSTYKNFGVIQTNSMGVID
ESYKGDNDFWFFPAYALRDTKIKKGDRICQFRIMKKMPAVDLIEVDRLGNGDRGGHGSTGTK
;
_entity_poly.pdbx_strand_id   A,B,C,D,E,F
#
# COMPACT_ATOMS: atom_id res chain seq x y z
N MET A 1 5.81 19.25 40.19
CA MET A 1 6.63 18.05 40.52
C MET A 1 8.08 18.31 40.15
N GLN A 2 9.03 17.49 40.57
CA GLN A 2 10.45 17.78 40.25
C GLN A 2 11.23 16.56 39.72
N ILE A 3 12.30 16.89 38.97
CA ILE A 3 13.37 15.98 38.60
C ILE A 3 14.71 16.40 39.26
N LYS A 4 15.37 15.43 39.86
CA LYS A 4 16.74 15.53 40.32
C LYS A 4 17.71 14.98 39.29
N ILE A 5 18.71 15.78 38.94
CA ILE A 5 19.68 15.51 37.89
C ILE A 5 21.11 15.66 38.43
N LYS A 6 21.85 14.56 38.30
CA LYS A 6 23.28 14.49 38.53
C LYS A 6 24.01 14.44 37.20
N TYR A 7 25.02 15.29 37.03
CA TYR A 7 25.84 15.27 35.82
C TYR A 7 27.08 14.42 36.00
N LEU A 8 27.60 13.88 34.90
CA LEU A 8 28.77 13.03 34.95
C LEU A 8 29.96 13.84 35.49
N ASP A 9 30.02 15.11 35.15
CA ASP A 9 31.16 15.99 35.59
C ASP A 9 30.82 17.44 35.36
N GLU A 10 31.70 18.34 35.82
CA GLU A 10 31.38 19.75 35.73
C GLU A 10 31.41 20.32 34.29
N THR A 11 32.00 19.60 33.36
CA THR A 11 32.12 20.07 31.98
C THR A 11 30.85 19.76 31.14
N GLN A 12 29.91 19.01 31.68
CA GLN A 12 28.66 18.68 30.91
C GLN A 12 27.86 19.93 30.96
N THR A 13 27.26 20.28 29.82
CA THR A 13 26.34 21.38 29.76
C THR A 13 25.04 21.14 30.54
N ARG A 14 24.76 22.00 31.52
CA ARG A 14 23.50 21.91 32.25
C ARG A 14 22.33 22.02 31.26
N ILE A 15 21.28 21.23 31.48
CA ILE A 15 20.14 21.24 30.54
C ILE A 15 18.97 22.24 30.80
N ASN A 16 18.05 22.34 29.82
CA ASN A 16 16.96 23.34 29.83
C ASN A 16 16.06 23.17 31.03
N LYS A 17 15.65 24.27 31.65
CA LYS A 17 14.55 24.22 32.63
C LYS A 17 13.26 23.77 31.94
N MET A 18 12.34 23.21 32.73
CA MET A 18 11.15 22.53 32.16
C MET A 18 9.83 23.16 32.60
N GLU A 19 9.77 24.49 32.58
CA GLU A 19 8.57 25.20 32.97
C GLU A 19 7.68 25.55 31.78
N GLN A 20 7.72 24.74 30.72
CA GLN A 20 6.87 25.00 29.58
C GLN A 20 6.25 23.74 28.94
N GLY A 21 6.79 22.54 29.22
CA GLY A 21 6.20 21.31 28.66
C GLY A 21 6.86 20.75 27.41
N ASP A 22 7.80 21.51 26.87
CA ASP A 22 8.54 21.08 25.65
C ASP A 22 9.45 19.90 25.95
N TRP A 23 9.79 19.11 24.94
CA TRP A 23 10.76 18.05 25.17
C TRP A 23 12.12 18.68 25.40
N ILE A 24 13.00 17.98 26.11
CA ILE A 24 14.29 18.54 26.63
C ILE A 24 15.48 17.90 25.92
N ASP A 25 16.39 18.72 25.38
CA ASP A 25 17.48 18.15 24.64
C ASP A 25 18.66 17.65 25.51
N LEU A 26 19.10 16.48 25.16
CA LEU A 26 20.22 15.78 25.83
C LEU A 26 21.41 15.68 24.84
N ARG A 27 22.61 15.63 25.40
CA ARG A 27 23.87 15.89 24.68
C ARG A 27 24.96 14.88 24.92
N ALA A 28 25.79 14.71 23.92
CA ALA A 28 26.90 13.78 23.96
C ALA A 28 27.90 14.17 25.02
N ALA A 29 28.21 13.23 25.92
CA ALA A 29 29.09 13.53 27.03
C ALA A 29 30.53 13.59 26.59
N GLU A 30 30.86 13.06 25.41
CA GLU A 30 32.25 12.97 24.92
C GLU A 30 32.18 12.87 23.43
N ASP A 31 33.29 13.10 22.74
CA ASP A 31 33.40 12.81 21.25
C ASP A 31 33.09 11.34 20.99
N VAL A 32 32.24 11.05 20.00
CA VAL A 32 32.01 9.66 19.59
C VAL A 32 32.10 9.59 18.05
N ALA A 33 33.00 8.79 17.49
CA ALA A 33 33.02 8.44 16.08
C ALA A 33 32.43 7.05 15.84
N ILE A 34 31.50 6.97 14.88
CA ILE A 34 30.90 5.73 14.52
C ILE A 34 31.04 5.52 13.05
N LYS A 35 31.59 4.36 12.65
CA LYS A 35 31.55 4.00 11.26
C LYS A 35 30.21 3.52 10.77
N LYS A 36 30.04 3.66 9.45
CA LYS A 36 28.90 3.18 8.76
C LYS A 36 28.63 1.72 9.14
N ASP A 37 27.36 1.44 9.42
CA ASP A 37 26.94 0.13 9.84
C ASP A 37 27.52 -0.39 11.15
N GLU A 38 27.99 0.51 11.96
CA GLU A 38 28.37 0.21 13.30
C GLU A 38 27.52 0.93 14.35
N PHE A 39 27.59 0.42 15.53
CA PHE A 39 26.78 0.85 16.67
C PHE A 39 27.62 1.38 17.80
N LYS A 40 27.07 2.38 18.46
CA LYS A 40 27.67 2.94 19.69
CA LYS A 40 27.66 2.87 19.70
C LYS A 40 26.62 3.39 20.65
N LEU A 41 26.77 3.01 21.92
CA LEU A 41 25.96 3.59 22.99
C LEU A 41 26.54 4.97 23.37
N VAL A 42 25.90 6.10 23.00
CA VAL A 42 26.46 7.45 23.18
C VAL A 42 26.07 7.88 24.56
N PRO A 43 27.06 8.17 25.39
CA PRO A 43 26.72 8.68 26.70
C PRO A 43 26.15 10.06 26.69
N LEU A 44 25.21 10.27 27.57
CA LEU A 44 24.51 11.51 27.64
C LEU A 44 24.90 12.31 28.87
N GLY A 45 25.70 11.68 29.73
CA GLY A 45 26.36 12.41 30.80
C GLY A 45 25.41 12.87 31.93
N VAL A 46 24.25 12.25 31.99
CA VAL A 46 23.20 12.62 32.93
C VAL A 46 22.60 11.38 33.59
N ALA A 47 22.37 11.49 34.90
CA ALA A 47 21.51 10.57 35.72
C ALA A 47 20.42 11.32 36.42
N MET A 48 19.21 10.72 36.47
CA MET A 48 18.03 11.43 36.97
C MET A 48 17.22 10.56 37.90
N GLU A 49 16.63 11.21 38.89
CA GLU A 49 15.47 10.65 39.61
C GLU A 49 14.20 11.34 39.23
N LEU A 50 13.38 10.57 38.53
CA LEU A 50 12.16 11.05 37.96
C LEU A 50 11.07 11.00 39.05
N PRO A 51 10.03 11.84 38.97
CA PRO A 51 8.94 11.82 39.94
C PRO A 51 8.33 10.43 40.11
N GLU A 52 7.81 10.10 41.29
CA GLU A 52 7.20 8.78 41.43
C GLU A 52 6.08 8.61 40.47
N GLY A 53 5.94 7.41 39.94
CA GLY A 53 4.84 7.06 39.05
C GLY A 53 5.05 7.47 37.62
N TYR A 54 6.24 8.06 37.32
CA TYR A 54 6.59 8.48 35.97
C TYR A 54 7.74 7.72 35.33
N GLU A 55 7.84 7.91 34.01
CA GLU A 55 8.87 7.24 33.23
C GLU A 55 9.28 8.31 32.20
N ALA A 56 10.43 8.16 31.62
CA ALA A 56 10.83 9.06 30.61
C ALA A 56 10.96 8.34 29.29
N HIS A 57 10.66 9.06 28.22
CA HIS A 57 10.82 8.56 26.85
C HIS A 57 11.90 9.35 26.08
N VAL A 58 12.73 8.67 25.34
CA VAL A 58 13.85 9.34 24.66
C VAL A 58 13.72 9.00 23.15
N VAL A 59 13.68 9.99 22.29
CA VAL A 59 13.71 9.81 20.85
C VAL A 59 14.75 10.70 20.24
N PRO A 60 15.06 10.44 18.99
CA PRO A 60 16.04 11.40 18.44
C PRO A 60 15.42 12.80 18.21
N ARG A 61 16.25 13.84 18.00
CA ARG A 61 15.68 15.13 17.55
C ARG A 61 15.28 15.00 16.12
N SER A 62 14.49 15.96 15.63
CA SER A 62 14.12 15.99 14.22
CA SER A 62 14.11 16.06 14.24
C SER A 62 15.35 16.10 13.26
N SER A 63 16.37 16.88 13.62
CA SER A 63 17.54 17.12 12.76
C SER A 63 18.67 16.14 13.00
N THR A 64 18.48 15.20 13.94
CA THR A 64 19.52 14.22 14.27
C THR A 64 20.08 13.43 13.09
N TYR A 65 19.17 12.93 12.24
CA TYR A 65 19.56 12.15 11.08
C TYR A 65 20.32 12.96 10.04
N LYS A 66 19.75 14.12 9.73
CA LYS A 66 20.36 15.05 8.77
C LYS A 66 21.76 15.37 9.12
N ASN A 67 21.97 15.81 10.37
CA ASN A 67 23.25 16.20 10.89
C ASN A 67 24.22 15.07 11.18
N PHE A 68 23.74 13.92 11.67
CA PHE A 68 24.62 12.92 12.14
C PHE A 68 24.54 11.52 11.51
N GLY A 69 23.53 11.29 10.73
CA GLY A 69 23.38 10.06 10.03
C GLY A 69 23.16 8.85 10.87
N VAL A 70 22.51 9.02 12.03
CA VAL A 70 22.26 7.90 12.96
C VAL A 70 20.73 7.74 13.22
N ILE A 71 20.35 6.51 13.45
CA ILE A 71 19.00 6.10 13.91
C ILE A 71 19.14 5.54 15.33
N GLN A 72 18.06 5.61 16.05
CA GLN A 72 18.05 5.07 17.40
C GLN A 72 17.53 3.61 17.40
N THR A 73 18.38 2.70 17.87
CA THR A 73 18.19 1.30 17.60
C THR A 73 16.94 0.69 18.33
N ASN A 74 16.64 1.15 19.51
CA ASN A 74 15.42 0.83 20.28
C ASN A 74 14.20 1.71 20.00
N SER A 75 14.23 2.48 18.92
CA SER A 75 13.21 3.41 18.49
C SER A 75 12.99 4.56 19.46
N MET A 76 12.45 4.20 20.64
CA MET A 76 12.13 5.07 21.75
C MET A 76 12.60 4.40 23.04
N GLY A 77 13.42 5.09 23.83
CA GLY A 77 13.97 4.53 24.97
C GLY A 77 13.00 4.81 26.11
N VAL A 78 12.87 3.86 27.00
CA VAL A 78 12.08 4.05 28.22
C VAL A 78 13.00 4.08 29.46
N ILE A 79 12.91 5.16 30.21
CA ILE A 79 13.66 5.19 31.47
C ILE A 79 12.63 5.18 32.59
N ASP A 80 12.67 4.12 33.36
CA ASP A 80 11.69 3.94 34.47
C ASP A 80 12.12 4.72 35.66
N GLU A 81 11.14 5.06 36.49
CA GLU A 81 11.35 5.74 37.75
C GLU A 81 12.36 5.01 38.58
N SER A 82 12.59 3.74 38.31
CA SER A 82 13.48 2.97 39.18
C SER A 82 14.98 3.13 38.83
N TYR A 83 15.25 3.57 37.60
CA TYR A 83 16.60 3.86 37.17
C TYR A 83 17.00 5.22 37.73
N LYS A 84 17.28 5.25 39.02
CA LYS A 84 17.51 6.50 39.74
C LYS A 84 18.80 6.43 40.58
N GLY A 85 19.64 5.43 40.33
CA GLY A 85 20.95 5.23 41.00
C GLY A 85 22.01 6.21 40.62
N ASP A 86 22.91 6.41 41.56
CA ASP A 86 24.04 7.28 41.34
C ASP A 86 24.95 6.88 40.18
N ASN A 87 24.92 5.63 39.73
CA ASN A 87 25.62 5.25 38.51
C ASN A 87 24.70 5.02 37.31
N ASP A 88 23.44 5.47 37.40
CA ASP A 88 22.41 5.13 36.37
C ASP A 88 22.31 6.25 35.31
N PHE A 89 23.42 6.36 34.63
CA PHE A 89 23.57 7.35 33.57
C PHE A 89 22.78 6.99 32.33
N TRP A 90 22.43 8.00 31.53
CA TRP A 90 21.58 7.79 30.38
C TRP A 90 22.48 7.68 29.09
N PHE A 91 22.00 6.90 28.13
CA PHE A 91 22.71 6.58 26.89
C PHE A 91 21.72 6.71 25.69
N PHE A 92 22.25 7.12 24.57
CA PHE A 92 21.48 7.11 23.28
C PHE A 92 22.08 6.00 22.40
N PRO A 93 21.33 4.95 22.13
CA PRO A 93 21.78 3.83 21.29
C PRO A 93 21.74 4.11 19.79
N ALA A 94 22.90 4.36 19.24
CA ALA A 94 23.08 4.99 17.90
C ALA A 94 23.61 3.95 16.94
N TYR A 95 22.92 3.73 15.84
CA TYR A 95 23.42 2.95 14.68
C TYR A 95 23.70 3.89 13.51
N ALA A 96 24.89 3.84 12.90
CA ALA A 96 25.23 4.81 11.91
C ALA A 96 24.90 4.24 10.53
N LEU A 97 24.22 5.03 9.74
CA LEU A 97 23.95 4.75 8.31
C LEU A 97 25.01 5.29 7.40
N ARG A 98 25.98 6.01 7.96
CA ARG A 98 27.04 6.60 7.19
C ARG A 98 28.10 6.90 8.24
N ASP A 99 29.35 7.00 7.78
CA ASP A 99 30.45 7.43 8.62
C ASP A 99 30.09 8.75 9.27
N THR A 100 30.32 8.84 10.57
CA THR A 100 29.94 10.00 11.34
C THR A 100 30.82 10.31 12.56
N LYS A 101 30.79 11.59 12.97
CA LYS A 101 31.51 12.13 14.08
C LYS A 101 30.49 12.93 14.90
N ILE A 102 30.38 12.57 16.17
CA ILE A 102 29.56 13.33 17.11
C ILE A 102 30.52 13.94 18.11
N LYS A 103 30.38 15.24 18.37
CA LYS A 103 31.26 15.96 19.29
C LYS A 103 30.62 16.17 20.69
N LYS A 104 31.45 16.09 21.70
CA LYS A 104 31.05 16.42 23.03
C LYS A 104 30.27 17.75 23.04
N GLY A 105 29.14 17.73 23.76
CA GLY A 105 28.22 18.83 23.83
C GLY A 105 27.13 18.93 22.76
N ASP A 106 27.24 18.16 21.65
CA ASP A 106 26.23 18.16 20.60
C ASP A 106 24.92 17.62 21.18
N ARG A 107 23.82 18.30 20.91
CA ARG A 107 22.49 17.80 21.19
C ARG A 107 22.21 16.62 20.19
N ILE A 108 21.88 15.50 20.76
CA ILE A 108 21.71 14.27 19.95
C ILE A 108 20.32 13.62 20.09
N CYS A 109 19.59 13.90 21.16
CA CYS A 109 18.24 13.33 21.33
C CYS A 109 17.47 14.20 22.27
N GLN A 110 16.20 13.83 22.52
CA GLN A 110 15.32 14.57 23.35
C GLN A 110 14.44 13.63 24.22
N PHE A 111 14.03 14.12 25.38
CA PHE A 111 13.16 13.38 26.27
C PHE A 111 12.05 14.18 26.92
N ARG A 112 10.98 13.47 27.30
CA ARG A 112 9.88 14.02 28.12
C ARG A 112 9.50 12.90 29.11
N ILE A 113 8.76 13.30 30.16
CA ILE A 113 8.23 12.33 31.12
C ILE A 113 6.75 12.12 30.79
N MET A 114 6.27 10.96 31.20
CA MET A 114 4.86 10.62 31.12
C MET A 114 4.50 9.73 32.30
N LYS A 115 3.24 9.82 32.70
CA LYS A 115 2.71 8.94 33.75
C LYS A 115 2.81 7.46 33.34
N LYS A 116 3.29 6.59 34.23
CA LYS A 116 3.28 5.20 33.91
C LYS A 116 1.89 4.66 33.84
N MET A 117 1.73 3.57 33.11
CA MET A 117 0.40 3.06 32.89
C MET A 117 -0.25 2.63 34.25
N PRO A 118 -1.57 2.71 34.29
CA PRO A 118 -2.26 2.30 35.56
C PRO A 118 -2.18 0.80 35.88
N ALA A 119 -2.61 0.49 37.10
CA ALA A 119 -2.81 -0.89 37.55
C ALA A 119 -3.72 -1.67 36.60
N VAL A 120 -3.25 -2.79 36.10
CA VAL A 120 -4.09 -3.64 35.28
C VAL A 120 -3.96 -5.12 35.69
N ASP A 121 -5.08 -5.82 35.63
CA ASP A 121 -5.11 -7.26 35.82
C ASP A 121 -5.13 -7.91 34.46
N LEU A 122 -4.08 -8.62 34.12
CA LEU A 122 -4.13 -9.54 32.99
C LEU A 122 -4.87 -10.78 33.41
N ILE A 123 -5.83 -11.22 32.61
CA ILE A 123 -6.58 -12.44 32.87
C ILE A 123 -6.63 -13.29 31.62
N GLU A 124 -6.15 -14.52 31.72
CA GLU A 124 -6.08 -15.37 30.56
C GLU A 124 -7.51 -15.80 30.19
N VAL A 125 -7.82 -15.84 28.90
CA VAL A 125 -9.06 -16.46 28.40
C VAL A 125 -8.80 -17.48 27.30
N ASP A 126 -9.75 -18.38 27.11
CA ASP A 126 -9.67 -19.38 26.06
C ASP A 126 -10.24 -18.87 24.74
N ARG A 127 -10.92 -17.74 24.74
CA ARG A 127 -11.47 -17.25 23.49
C ARG A 127 -11.99 -15.83 23.59
N LEU A 128 -11.57 -14.98 22.65
CA LEU A 128 -12.10 -13.63 22.60
C LEU A 128 -13.37 -13.71 21.72
N MET B 1 -12.72 21.03 21.94
CA MET B 1 -11.31 21.01 21.48
C MET B 1 -11.30 20.67 19.99
N GLN B 2 -10.52 21.43 19.26
CA GLN B 2 -10.36 21.24 17.81
C GLN B 2 -8.90 21.41 17.30
N ILE B 3 -8.70 21.01 16.05
CA ILE B 3 -7.43 21.21 15.36
C ILE B 3 -7.80 21.91 14.09
N LYS B 4 -7.10 23.02 13.80
CA LYS B 4 -7.25 23.73 12.54
C LYS B 4 -6.26 23.13 11.56
N ILE B 5 -6.72 22.74 10.38
CA ILE B 5 -5.84 22.12 9.34
C ILE B 5 -5.92 22.98 8.07
N LYS B 6 -4.73 23.37 7.55
CA LYS B 6 -4.52 23.98 6.24
C LYS B 6 -3.78 23.03 5.34
N TYR B 7 -4.30 22.91 4.12
CA TYR B 7 -3.73 22.08 3.10
C TYR B 7 -2.81 22.87 2.17
N LEU B 8 -1.82 22.19 1.64
CA LEU B 8 -0.88 22.78 0.72
C LEU B 8 -1.56 23.34 -0.54
N ASP B 9 -2.54 22.61 -1.08
CA ASP B 9 -3.30 23.01 -2.23
C ASP B 9 -4.56 22.16 -2.30
N GLU B 10 -5.39 22.42 -3.31
CA GLU B 10 -6.66 21.71 -3.46
C GLU B 10 -6.51 20.21 -3.74
N THR B 11 -5.46 19.85 -4.46
CA THR B 11 -5.24 18.46 -4.88
C THR B 11 -4.95 17.49 -3.69
N GLN B 12 -4.60 18.01 -2.53
CA GLN B 12 -4.39 17.18 -1.30
C GLN B 12 -5.72 16.58 -0.85
N THR B 13 -5.70 15.26 -0.64
CA THR B 13 -6.92 14.60 -0.13
C THR B 13 -7.15 14.95 1.32
N ARG B 14 -8.31 15.54 1.58
CA ARG B 14 -8.70 15.95 2.92
C ARG B 14 -8.60 14.76 3.86
N ILE B 15 -8.18 15.04 5.08
CA ILE B 15 -7.98 14.00 6.08
C ILE B 15 -9.13 13.98 7.07
N ASN B 16 -9.77 12.81 7.16
CA ASN B 16 -10.91 12.65 8.06
C ASN B 16 -10.42 11.89 9.27
N LYS B 17 -11.09 12.11 10.38
CA LYS B 17 -10.74 11.39 11.62
C LYS B 17 -11.93 10.61 12.16
N MET B 18 -11.64 9.54 12.87
CA MET B 18 -12.68 8.73 13.46
C MET B 18 -13.22 9.29 14.73
N GLU B 19 -14.52 9.13 14.96
CA GLU B 19 -15.11 9.72 16.19
C GLU B 19 -14.34 9.25 17.44
N GLN B 20 -14.06 7.98 17.44
CA GLN B 20 -13.32 7.30 18.47
C GLN B 20 -11.93 7.89 18.38
N GLY B 21 -11.15 7.80 19.41
CA GLY B 21 -9.83 8.43 19.29
C GLY B 21 -8.70 7.69 18.54
N ASP B 22 -9.02 7.02 17.43
CA ASP B 22 -8.08 6.31 16.60
C ASP B 22 -6.97 7.27 16.11
N TRP B 23 -5.81 6.70 15.89
CA TRP B 23 -4.78 7.51 15.23
C TRP B 23 -5.21 7.89 13.80
N ILE B 24 -4.68 8.99 13.28
CA ILE B 24 -5.20 9.56 12.00
C ILE B 24 -4.17 9.44 10.95
N ASP B 25 -4.50 8.84 9.83
CA ASP B 25 -3.48 8.62 8.77
C ASP B 25 -3.21 9.88 7.97
N LEU B 26 -1.97 10.14 7.63
CA LEU B 26 -1.57 11.20 6.77
C LEU B 26 -0.99 10.67 5.48
N ARG B 27 -1.07 11.49 4.43
CA ARG B 27 -0.66 11.08 3.10
C ARG B 27 0.48 11.90 2.50
N ALA B 28 1.15 11.28 1.54
CA ALA B 28 2.21 11.84 0.78
C ALA B 28 1.54 12.96 -0.11
N ALA B 29 2.16 14.15 -0.12
CA ALA B 29 1.63 15.29 -0.92
C ALA B 29 1.97 15.27 -2.42
N GLU B 30 2.83 14.35 -2.87
CA GLU B 30 3.36 14.29 -4.21
C GLU B 30 3.99 12.91 -4.37
N ASP B 31 4.23 12.51 -5.61
CA ASP B 31 4.93 11.25 -5.88
C ASP B 31 6.43 11.40 -5.60
N VAL B 32 6.93 10.58 -4.69
CA VAL B 32 8.32 10.61 -4.31
C VAL B 32 9.05 9.26 -4.64
N ALA B 33 10.15 9.33 -5.42
CA ALA B 33 10.99 8.12 -5.65
C ALA B 33 12.23 8.26 -4.73
N ILE B 34 12.53 7.20 -3.99
CA ILE B 34 13.68 7.12 -3.13
C ILE B 34 14.53 5.85 -3.52
N LYS B 35 15.78 6.07 -3.79
CA LYS B 35 16.73 4.95 -3.96
C LYS B 35 17.16 4.30 -2.67
N LYS B 36 17.48 3.03 -2.79
CA LYS B 36 18.11 2.35 -1.71
C LYS B 36 19.23 3.19 -1.07
N ASP B 37 19.17 3.19 0.26
CA ASP B 37 20.06 3.92 1.13
C ASP B 37 20.09 5.43 0.98
N GLU B 38 19.05 6.02 0.41
CA GLU B 38 18.84 7.43 0.38
C GLU B 38 17.66 7.83 1.30
N PHE B 39 17.72 9.10 1.67
CA PHE B 39 16.86 9.77 2.62
C PHE B 39 16.04 10.83 1.87
N LYS B 40 14.72 10.92 2.08
CA LYS B 40 13.96 12.11 1.63
C LYS B 40 12.95 12.51 2.68
N LEU B 41 12.82 13.82 2.85
CA LEU B 41 11.77 14.34 3.70
C LEU B 41 10.49 14.33 2.86
N VAL B 42 9.59 13.40 3.11
CA VAL B 42 8.33 13.25 2.37
C VAL B 42 7.25 14.23 2.84
N PRO B 43 6.89 15.18 1.98
CA PRO B 43 5.88 16.18 2.36
C PRO B 43 4.50 15.49 2.53
N LEU B 44 3.78 15.86 3.59
CA LEU B 44 2.47 15.35 3.87
C LEU B 44 1.36 16.36 3.54
N GLY B 45 1.75 17.59 3.21
CA GLY B 45 0.84 18.59 2.60
C GLY B 45 -0.17 19.23 3.53
N VAL B 46 0.14 19.25 4.81
CA VAL B 46 -0.82 19.73 5.84
C VAL B 46 -0.01 20.53 6.83
N ALA B 47 -0.63 21.57 7.38
CA ALA B 47 -0.08 22.36 8.44
C ALA B 47 -1.26 22.46 9.39
N MET B 48 -0.97 22.50 10.66
CA MET B 48 -2.00 22.42 11.66
C MET B 48 -1.76 23.25 12.86
N GLU B 49 -2.85 23.79 13.44
CA GLU B 49 -2.76 24.43 14.75
C GLU B 49 -3.41 23.53 15.78
N LEU B 50 -2.54 22.86 16.59
CA LEU B 50 -2.98 21.92 17.56
C LEU B 50 -3.59 22.64 18.78
N PRO B 51 -4.50 21.99 19.49
CA PRO B 51 -4.95 22.67 20.72
C PRO B 51 -3.86 23.05 21.64
N GLU B 52 -4.10 24.14 22.36
CA GLU B 52 -3.16 24.66 23.33
C GLU B 52 -2.78 23.65 24.40
N GLY B 53 -1.49 23.50 24.62
CA GLY B 53 -0.93 22.57 25.59
C GLY B 53 -0.77 21.10 25.12
N TYR B 54 -0.98 20.89 23.84
CA TYR B 54 -0.85 19.57 23.23
C TYR B 54 0.30 19.53 22.26
N GLU B 55 0.73 18.31 21.94
CA GLU B 55 1.69 18.04 20.88
C GLU B 55 1.14 16.86 20.10
N ALA B 56 1.60 16.68 18.88
CA ALA B 56 1.30 15.51 18.04
C ALA B 56 2.51 14.59 18.03
N HIS B 57 2.25 13.30 17.95
CA HIS B 57 3.23 12.28 17.66
C HIS B 57 2.92 11.59 16.33
N VAL B 58 3.98 11.41 15.56
CA VAL B 58 3.96 10.87 14.12
C VAL B 58 4.79 9.63 14.05
N VAL B 59 4.18 8.51 13.70
CA VAL B 59 4.89 7.22 13.50
C VAL B 59 4.46 6.59 12.23
N PRO B 60 5.25 5.64 11.73
CA PRO B 60 4.76 4.99 10.52
C PRO B 60 3.50 4.10 10.71
N ARG B 61 2.77 3.91 9.65
CA ARG B 61 1.65 2.92 9.73
C ARG B 61 2.34 1.56 9.77
N SER B 62 1.74 0.59 10.42
CA SER B 62 2.24 -0.76 10.46
CA SER B 62 2.32 -0.72 10.47
C SER B 62 2.60 -1.31 9.10
N SER B 63 1.85 -0.98 8.07
CA SER B 63 2.07 -1.45 6.73
C SER B 63 3.07 -0.71 5.86
N THR B 64 3.62 0.39 6.36
CA THR B 64 4.57 1.21 5.56
C THR B 64 5.82 0.50 5.14
N TYR B 65 6.40 -0.32 6.01
CA TYR B 65 7.61 -1.06 5.65
C TYR B 65 7.33 -2.01 4.49
N LYS B 66 6.32 -2.85 4.66
CA LYS B 66 5.96 -3.84 3.67
C LYS B 66 5.53 -3.22 2.33
N ASN B 67 4.90 -2.05 2.39
CA ASN B 67 4.40 -1.43 1.14
C ASN B 67 5.47 -0.58 0.48
N PHE B 68 6.31 0.09 1.27
CA PHE B 68 7.21 1.07 0.68
C PHE B 68 8.71 0.95 1.02
N GLY B 69 9.06 0.05 1.91
CA GLY B 69 10.46 -0.26 2.21
C GLY B 69 11.19 0.88 2.91
N VAL B 70 10.49 1.72 3.67
CA VAL B 70 11.14 2.89 4.37
C VAL B 70 10.92 2.81 5.89
N ILE B 71 11.87 3.38 6.58
CA ILE B 71 11.82 3.54 8.03
C ILE B 71 11.81 5.03 8.25
N GLN B 72 11.33 5.40 9.41
CA GLN B 72 11.26 6.76 9.83
C GLN B 72 12.50 7.08 10.67
N THR B 73 13.33 7.96 10.12
CA THR B 73 14.66 8.14 10.69
C THR B 73 14.67 8.73 12.09
N ASN B 74 13.71 9.58 12.43
CA ASN B 74 13.60 10.13 13.80
C ASN B 74 12.78 9.26 14.79
N SER B 75 12.47 8.02 14.42
CA SER B 75 11.57 7.04 15.12
C SER B 75 10.12 7.53 15.24
N MET B 76 9.94 8.60 16.00
CA MET B 76 8.63 9.19 16.22
C MET B 76 8.72 10.71 16.26
N GLY B 77 8.08 11.36 15.30
CA GLY B 77 8.12 12.82 15.18
C GLY B 77 7.23 13.50 16.20
N VAL B 78 7.71 14.59 16.81
CA VAL B 78 7.00 15.37 17.79
C VAL B 78 6.65 16.69 17.13
N ILE B 79 5.35 16.98 17.00
CA ILE B 79 4.90 18.30 16.52
C ILE B 79 4.33 19.17 17.65
N ASP B 80 5.06 20.21 18.05
CA ASP B 80 4.64 21.05 19.16
C ASP B 80 3.46 21.96 18.80
N GLU B 81 2.70 22.39 19.82
CA GLU B 81 1.71 23.43 19.60
C GLU B 81 2.26 24.65 18.89
N SER B 82 3.52 25.00 19.15
CA SER B 82 4.13 26.17 18.55
C SER B 82 4.33 26.06 17.02
N TYR B 83 4.23 24.86 16.44
CA TYR B 83 4.49 24.71 14.99
C TYR B 83 3.15 24.85 14.30
N LYS B 84 2.62 26.08 14.31
CA LYS B 84 1.27 26.39 13.83
C LYS B 84 1.21 27.53 12.81
N GLY B 85 2.33 27.88 12.28
CA GLY B 85 2.42 28.87 11.22
C GLY B 85 1.91 28.49 9.89
N ASP B 86 1.68 29.51 9.06
CA ASP B 86 1.03 29.28 7.77
C ASP B 86 1.92 28.52 6.85
N ASN B 87 3.23 28.51 7.10
CA ASN B 87 4.13 27.59 6.36
C ASN B 87 4.84 26.49 7.11
N ASP B 88 4.27 26.10 8.22
CA ASP B 88 4.70 24.98 9.00
C ASP B 88 4.06 23.64 8.54
N PHE B 89 4.43 23.19 7.36
CA PHE B 89 3.90 21.95 6.79
C PHE B 89 4.63 20.74 7.42
N TRP B 90 3.96 19.59 7.50
CA TRP B 90 4.45 18.41 8.14
C TRP B 90 5.09 17.52 7.11
N PHE B 91 6.11 16.81 7.59
CA PHE B 91 6.92 15.91 6.77
C PHE B 91 7.16 14.60 7.45
N PHE B 92 7.29 13.53 6.66
CA PHE B 92 7.71 12.21 7.14
C PHE B 92 9.14 11.93 6.72
N PRO B 93 10.06 11.90 7.71
CA PRO B 93 11.44 11.70 7.30
C PRO B 93 11.72 10.19 6.96
N ALA B 94 11.98 9.91 5.69
CA ALA B 94 12.03 8.53 5.20
C ALA B 94 13.45 8.15 4.79
N TYR B 95 13.92 7.00 5.27
CA TYR B 95 15.14 6.35 4.78
C TYR B 95 14.70 5.03 4.13
N ALA B 96 15.08 4.86 2.87
CA ALA B 96 14.73 3.70 2.06
C ALA B 96 15.72 2.58 2.24
N LEU B 97 15.19 1.42 2.63
CA LEU B 97 15.98 0.18 2.62
C LEU B 97 16.02 -0.56 1.27
N ARG B 98 15.18 -0.17 0.35
CA ARG B 98 15.17 -0.67 -1.03
C ARG B 98 14.72 0.45 -1.96
N ASP B 99 15.00 0.28 -3.25
CA ASP B 99 14.49 1.22 -4.25
C ASP B 99 12.97 1.23 -4.17
N THR B 100 12.40 2.42 -4.05
CA THR B 100 10.98 2.54 -3.82
C THR B 100 10.34 3.73 -4.45
N LYS B 101 9.02 3.66 -4.49
CA LYS B 101 8.20 4.80 -4.96
C LYS B 101 7.00 4.96 -4.08
N ILE B 102 6.76 6.20 -3.65
CA ILE B 102 5.60 6.47 -2.87
C ILE B 102 4.72 7.33 -3.73
N LYS B 103 3.42 6.99 -3.83
CA LYS B 103 2.49 7.74 -4.67
C LYS B 103 1.77 8.85 -3.91
N LYS B 104 1.57 9.97 -4.59
CA LYS B 104 0.65 11.02 -4.10
C LYS B 104 -0.68 10.48 -3.57
N GLY B 105 -1.03 10.86 -2.32
CA GLY B 105 -2.21 10.31 -1.61
C GLY B 105 -2.02 9.12 -0.72
N ASP B 106 -0.89 8.44 -0.89
CA ASP B 106 -0.68 7.18 -0.16
C ASP B 106 -0.64 7.45 1.32
N ARG B 107 -1.42 6.68 2.08
CA ARG B 107 -1.34 6.82 3.55
C ARG B 107 -0.06 6.19 4.08
N ILE B 108 0.86 7.01 4.58
CA ILE B 108 2.23 6.48 4.95
C ILE B 108 2.55 6.58 6.36
N CYS B 109 1.89 7.42 7.11
CA CYS B 109 2.25 7.49 8.59
C CYS B 109 0.95 7.86 9.26
N GLN B 110 0.99 7.98 10.54
CA GLN B 110 -0.16 8.24 11.35
C GLN B 110 0.15 9.11 12.58
N PHE B 111 -0.83 9.89 13.05
CA PHE B 111 -0.61 10.79 14.17
C PHE B 111 -1.73 10.78 15.20
N ARG B 112 -1.32 11.10 16.41
CA ARG B 112 -2.33 11.47 17.43
C ARG B 112 -1.80 12.65 18.23
N ILE B 113 -2.72 13.27 19.01
CA ILE B 113 -2.34 14.29 20.00
C ILE B 113 -2.20 13.71 21.39
N MET B 114 -1.37 14.38 22.18
CA MET B 114 -1.19 14.06 23.58
C MET B 114 -0.93 15.35 24.32
N LYS B 115 -1.31 15.37 25.59
CA LYS B 115 -1.09 16.57 26.37
C LYS B 115 0.45 16.64 26.53
N LYS B 116 0.99 17.85 26.58
CA LYS B 116 2.40 18.13 26.78
C LYS B 116 2.74 17.77 28.22
N MET B 117 4.02 17.52 28.47
CA MET B 117 4.35 17.12 29.87
C MET B 117 4.11 18.34 30.80
N PRO B 118 3.75 18.06 32.08
CA PRO B 118 3.43 19.17 33.02
C PRO B 118 4.69 19.94 33.35
N ALA B 119 4.50 21.19 33.79
CA ALA B 119 5.63 21.96 34.28
C ALA B 119 6.32 21.15 35.39
N VAL B 120 7.64 21.07 35.28
CA VAL B 120 8.42 20.34 36.26
C VAL B 120 9.68 21.16 36.65
N ASP B 121 10.14 20.98 37.90
CA ASP B 121 11.38 21.63 38.37
C ASP B 121 12.57 20.72 38.10
N LEU B 122 13.52 21.15 37.28
CA LEU B 122 14.79 20.44 37.14
C LEU B 122 15.75 20.97 38.23
N ILE B 123 16.34 20.08 38.99
CA ILE B 123 17.08 20.51 40.16
C ILE B 123 18.36 19.72 40.24
N GLU B 124 19.50 20.38 40.18
CA GLU B 124 20.73 19.63 40.10
C GLU B 124 21.14 19.19 41.51
N VAL B 125 21.75 18.00 41.58
CA VAL B 125 22.24 17.41 42.80
C VAL B 125 23.60 16.79 42.59
N ASP B 126 24.40 16.77 43.66
CA ASP B 126 25.76 16.26 43.60
C ASP B 126 25.78 14.73 43.57
N ARG B 127 24.75 14.10 44.12
CA ARG B 127 24.64 12.64 44.07
C ARG B 127 23.19 12.12 44.22
N LEU B 128 22.90 10.97 43.62
CA LEU B 128 21.55 10.35 43.76
C LEU B 128 21.56 9.10 44.71
N MET C 1 -9.15 -1.90 36.44
CA MET C 1 -9.22 -2.23 34.98
C MET C 1 -8.45 -3.52 34.62
N GLN C 2 -8.81 -4.09 33.48
CA GLN C 2 -8.50 -5.47 33.15
C GLN C 2 -8.07 -5.57 31.67
N ILE C 3 -7.12 -6.45 31.37
CA ILE C 3 -6.90 -6.90 30.00
C ILE C 3 -7.10 -8.40 29.96
N LYS C 4 -7.83 -8.80 28.96
CA LYS C 4 -8.08 -10.20 28.60
C LYS C 4 -7.07 -10.65 27.54
N ILE C 5 -6.36 -11.73 27.85
CA ILE C 5 -5.35 -12.32 27.01
C ILE C 5 -5.63 -13.79 26.58
N LYS C 6 -5.57 -14.04 25.29
CA LYS C 6 -5.63 -15.39 24.77
C LYS C 6 -4.27 -15.75 24.19
N TYR C 7 -3.76 -16.94 24.50
CA TYR C 7 -2.46 -17.34 23.99
C TYR C 7 -2.61 -18.28 22.82
N LEU C 8 -1.67 -18.20 21.90
CA LEU C 8 -1.69 -18.98 20.73
C LEU C 8 -1.81 -20.47 21.03
N ASP C 9 -1.15 -20.95 22.08
CA ASP C 9 -1.08 -22.37 22.37
C ASP C 9 -0.57 -22.52 23.78
N GLU C 10 -0.63 -23.74 24.28
CA GLU C 10 -0.24 -24.01 25.63
C GLU C 10 1.26 -23.80 25.90
N THR C 11 2.12 -23.85 24.86
CA THR C 11 3.57 -23.75 25.06
C THR C 11 4.03 -22.27 25.25
N GLN C 12 3.16 -21.30 24.97
CA GLN C 12 3.57 -19.87 25.00
C GLN C 12 3.75 -19.54 26.45
N THR C 13 4.77 -18.76 26.75
CA THR C 13 5.09 -18.42 28.08
C THR C 13 4.05 -17.37 28.57
N ARG C 14 3.38 -17.64 29.69
CA ARG C 14 2.38 -16.69 30.21
C ARG C 14 3.03 -15.40 30.66
N ILE C 15 2.45 -14.26 30.34
CA ILE C 15 3.15 -13.00 30.58
C ILE C 15 2.92 -12.39 31.98
N ASN C 16 3.77 -11.40 32.34
CA ASN C 16 3.57 -10.59 33.55
C ASN C 16 4.12 -9.16 33.49
N GLN C 20 3.55 -2.35 39.82
CA GLN C 20 3.23 -2.46 38.45
C GLN C 20 3.42 -1.08 37.77
N GLY C 21 2.76 -0.89 36.66
CA GLY C 21 3.06 0.29 35.87
C GLY C 21 4.20 0.07 34.90
N ASP C 22 5.02 -0.97 35.10
CA ASP C 22 6.18 -1.23 34.23
C ASP C 22 5.69 -1.67 32.86
N TRP C 23 6.42 -1.33 31.80
CA TRP C 23 6.16 -2.00 30.54
C TRP C 23 6.30 -3.49 30.64
N ILE C 24 5.58 -4.21 29.76
CA ILE C 24 5.44 -5.66 29.84
C ILE C 24 6.13 -6.38 28.73
N ASP C 25 6.97 -7.36 29.04
CA ASP C 25 7.69 -8.10 28.00
C ASP C 25 6.85 -9.06 27.15
N LEU C 26 7.02 -8.96 25.83
CA LEU C 26 6.47 -9.86 24.91
C LEU C 26 7.52 -10.78 24.30
N ARG C 27 7.11 -11.99 23.98
CA ARG C 27 8.06 -13.01 23.58
C ARG C 27 7.76 -13.68 22.24
N ALA C 28 8.84 -14.11 21.52
CA ALA C 28 8.73 -14.83 20.26
C ALA C 28 7.95 -16.15 20.43
N ALA C 29 6.99 -16.37 19.52
CA ALA C 29 6.06 -17.55 19.64
C ALA C 29 6.59 -18.78 18.99
N GLU C 30 7.61 -18.61 18.13
CA GLU C 30 8.31 -19.64 17.44
C GLU C 30 9.75 -19.17 17.16
N ASP C 31 10.62 -20.10 16.75
CA ASP C 31 11.95 -19.73 16.23
C ASP C 31 11.81 -18.93 14.99
N VAL C 32 12.59 -17.85 14.86
CA VAL C 32 12.60 -17.08 13.62
C VAL C 32 14.01 -16.63 13.22
N ALA C 33 14.56 -17.23 12.17
CA ALA C 33 15.87 -16.83 11.63
C ALA C 33 15.65 -15.73 10.62
N ILE C 34 16.43 -14.66 10.67
CA ILE C 34 16.36 -13.54 9.73
C ILE C 34 17.77 -13.21 9.18
N LYS C 35 17.96 -13.23 7.85
CA LYS C 35 19.28 -12.90 7.30
C LYS C 35 19.46 -11.36 7.32
N LYS C 36 20.71 -10.92 7.33
CA LYS C 36 21.05 -9.54 7.08
C LYS C 36 20.25 -8.95 5.94
N ASP C 37 19.65 -7.79 6.26
CA ASP C 37 18.94 -6.98 5.29
C ASP C 37 17.60 -7.54 4.84
N GLU C 38 17.07 -8.44 5.64
CA GLU C 38 15.80 -9.07 5.43
C GLU C 38 14.91 -8.80 6.62
N PHE C 39 13.62 -9.00 6.40
CA PHE C 39 12.50 -8.54 7.25
C PHE C 39 11.64 -9.77 7.62
N LYS C 40 11.10 -9.80 8.85
CA LYS C 40 10.16 -10.84 9.15
C LYS C 40 9.27 -10.32 10.22
N LEU C 41 7.99 -10.57 10.03
CA LEU C 41 7.08 -10.43 11.15
C LEU C 41 7.25 -11.54 12.24
N VAL C 42 7.62 -11.21 13.47
CA VAL C 42 7.90 -12.16 14.52
C VAL C 42 6.56 -12.25 15.32
N PRO C 43 5.97 -13.41 15.33
CA PRO C 43 4.72 -13.61 16.09
C PRO C 43 5.02 -13.58 17.57
N LEU C 44 4.13 -13.00 18.39
CA LEU C 44 4.30 -12.88 19.83
C LEU C 44 3.33 -13.77 20.59
N GLY C 45 2.48 -14.48 19.83
CA GLY C 45 1.67 -15.57 20.35
C GLY C 45 0.60 -15.21 21.34
N VAL C 46 0.21 -13.94 21.33
CA VAL C 46 -0.80 -13.30 22.17
C VAL C 46 -1.80 -12.48 21.33
N ALA C 47 -3.09 -12.62 21.67
CA ALA C 47 -4.17 -11.74 21.29
C ALA C 47 -4.82 -11.17 22.54
N MET C 48 -5.27 -9.92 22.47
CA MET C 48 -5.68 -9.27 23.69
C MET C 48 -6.89 -8.38 23.52
N GLU C 49 -7.73 -8.30 24.57
CA GLU C 49 -8.86 -7.33 24.54
C GLU C 49 -8.58 -6.23 25.57
N LEU C 50 -8.13 -5.08 25.05
CA LEU C 50 -7.64 -3.99 25.89
C LEU C 50 -8.81 -3.28 26.54
N PRO C 51 -8.55 -2.50 27.56
CA PRO C 51 -9.70 -1.79 28.01
C PRO C 51 -10.30 -0.81 27.06
N GLU C 52 -11.61 -0.59 27.25
CA GLU C 52 -12.34 0.39 26.52
C GLU C 52 -11.69 1.75 26.56
N GLY C 53 -11.56 2.34 25.41
CA GLY C 53 -10.92 3.64 25.33
C GLY C 53 -9.41 3.68 25.51
N TYR C 54 -8.73 2.51 25.50
CA TYR C 54 -7.26 2.39 25.58
C TYR C 54 -6.62 1.81 24.29
N GLU C 55 -5.34 2.12 24.08
CA GLU C 55 -4.56 1.47 22.99
C GLU C 55 -3.23 0.94 23.62
N ALA C 56 -2.61 -0.01 22.93
CA ALA C 56 -1.29 -0.48 23.31
C ALA C 56 -0.20 0.17 22.40
N HIS C 57 0.92 0.48 23.00
CA HIS C 57 2.20 0.79 22.29
C HIS C 57 3.28 -0.24 22.49
N VAL C 58 3.86 -0.65 21.39
CA VAL C 58 4.88 -1.73 21.32
C VAL C 58 6.22 -1.15 20.77
N VAL C 59 7.30 -1.27 21.56
CA VAL C 59 8.68 -0.87 21.23
C VAL C 59 9.67 -1.99 21.52
N PRO C 60 10.83 -2.03 20.85
CA PRO C 60 11.86 -3.01 21.34
C PRO C 60 12.18 -2.91 22.78
N ARG C 61 12.76 -3.95 23.35
CA ARG C 61 13.41 -3.80 24.64
C ARG C 61 14.72 -3.07 24.47
N SER C 62 15.23 -2.50 25.55
CA SER C 62 16.50 -1.80 25.43
CA SER C 62 16.51 -1.82 25.53
C SER C 62 17.62 -2.65 24.87
N SER C 63 17.64 -3.96 25.18
CA SER C 63 18.72 -4.88 24.83
C SER C 63 18.45 -5.67 23.59
N THR C 64 17.35 -5.38 22.91
CA THR C 64 16.98 -6.11 21.73
C THR C 64 18.03 -6.03 20.62
N TYR C 65 18.49 -4.84 20.30
CA TYR C 65 19.58 -4.65 19.27
C TYR C 65 20.88 -5.38 19.66
N LYS C 66 21.34 -5.21 20.90
CA LYS C 66 22.63 -5.84 21.33
C LYS C 66 22.53 -7.36 21.18
N ASN C 67 21.41 -7.95 21.62
CA ASN C 67 21.24 -9.37 21.59
C ASN C 67 20.87 -9.89 20.22
N PHE C 68 20.06 -9.15 19.45
CA PHE C 68 19.54 -9.74 18.18
C PHE C 68 19.87 -8.98 16.87
N GLY C 69 20.34 -7.75 16.97
CA GLY C 69 20.75 -7.00 15.77
C GLY C 69 19.51 -6.71 14.91
N VAL C 70 18.32 -6.61 15.53
CA VAL C 70 17.12 -6.16 14.81
C VAL C 70 16.62 -4.78 15.30
N ILE C 71 16.00 -4.06 14.38
CA ILE C 71 15.29 -2.81 14.60
C ILE C 71 13.86 -3.07 14.25
N GLN C 72 12.99 -2.30 14.87
CA GLN C 72 11.52 -2.41 14.69
C GLN C 72 11.11 -1.42 13.57
N THR C 73 10.67 -2.01 12.47
CA THR C 73 10.49 -1.23 11.23
C THR C 73 9.40 -0.14 11.31
N ASN C 74 8.43 -0.27 12.21
CA ASN C 74 7.38 0.75 12.36
C ASN C 74 7.61 1.66 13.52
N SER C 75 8.83 1.57 14.12
CA SER C 75 9.31 2.41 15.21
C SER C 75 8.58 2.04 16.51
N MET C 76 7.28 2.32 16.57
CA MET C 76 6.43 1.99 17.70
C MET C 76 5.10 1.51 17.14
N GLY C 77 4.74 0.30 17.48
CA GLY C 77 3.43 -0.26 17.09
C GLY C 77 2.26 0.22 17.96
N VAL C 78 1.10 0.49 17.34
CA VAL C 78 -0.07 0.92 18.05
C VAL C 78 -1.06 -0.25 17.83
N ILE C 79 -1.58 -0.75 18.91
CA ILE C 79 -2.61 -1.76 18.93
C ILE C 79 -3.88 -1.08 19.49
N ASP C 80 -4.86 -0.88 18.63
CA ASP C 80 -6.11 -0.27 19.08
C ASP C 80 -7.05 -1.28 19.80
N GLU C 81 -7.88 -0.67 20.64
CA GLU C 81 -8.94 -1.30 21.38
C GLU C 81 -9.71 -2.22 20.47
N SER C 82 -9.84 -1.86 19.19
CA SER C 82 -10.67 -2.65 18.27
C SER C 82 -9.98 -3.91 17.71
N TYR C 83 -8.67 -4.06 17.92
CA TYR C 83 -7.95 -5.28 17.57
C TYR C 83 -8.06 -6.28 18.69
N LYS C 84 -9.25 -6.89 18.74
CA LYS C 84 -9.61 -7.74 19.86
C LYS C 84 -10.29 -9.03 19.48
N GLY C 85 -10.27 -9.37 18.19
CA GLY C 85 -10.78 -10.64 17.72
C GLY C 85 -9.99 -11.86 18.13
N ASP C 86 -10.64 -13.01 18.01
CA ASP C 86 -10.03 -14.25 18.35
C ASP C 86 -8.79 -14.62 17.54
N ASN C 87 -8.65 -14.07 16.35
CA ASN C 87 -7.50 -14.30 15.53
C ASN C 87 -6.59 -13.05 15.44
N ASP C 88 -6.76 -12.08 16.32
CA ASP C 88 -6.01 -10.84 16.23
C ASP C 88 -4.71 -10.89 17.04
N PHE C 89 -3.79 -11.72 16.58
CA PHE C 89 -2.58 -12.01 17.33
C PHE C 89 -1.56 -10.88 17.02
N TRP C 90 -0.68 -10.66 17.95
CA TRP C 90 0.28 -9.54 17.84
C TRP C 90 1.56 -10.00 17.22
N PHE C 91 2.24 -9.08 16.50
CA PHE C 91 3.45 -9.29 15.79
C PHE C 91 4.50 -8.19 16.09
N PHE C 92 5.76 -8.55 16.05
CA PHE C 92 6.87 -7.59 16.08
C PHE C 92 7.57 -7.50 14.72
N PRO C 93 7.43 -6.35 14.03
CA PRO C 93 8.03 -6.27 12.71
C PRO C 93 9.61 -5.95 12.71
N ALA C 94 10.39 -6.96 12.37
CA ALA C 94 11.78 -6.96 12.62
C ALA C 94 12.53 -6.89 11.29
N TYR C 95 13.45 -5.91 11.23
CA TYR C 95 14.47 -5.82 10.20
C TYR C 95 15.84 -6.12 10.80
N ALA C 96 16.53 -7.04 10.16
CA ALA C 96 17.83 -7.55 10.71
C ALA C 96 18.99 -6.78 10.11
N LEU C 97 19.82 -6.21 10.98
CA LEU C 97 21.01 -5.47 10.54
C LEU C 97 22.26 -6.38 10.40
N ARG C 98 22.14 -7.58 10.96
CA ARG C 98 23.07 -8.70 10.73
CA ARG C 98 23.09 -8.69 10.78
C ARG C 98 22.31 -9.99 10.75
N ASP C 99 22.95 -11.07 10.32
CA ASP C 99 22.31 -12.39 10.37
C ASP C 99 21.91 -12.65 11.82
N THR C 100 20.67 -13.09 12.05
CA THR C 100 20.26 -13.33 13.40
C THR C 100 19.33 -14.56 13.64
N LYS C 101 19.26 -15.05 14.87
CA LYS C 101 18.40 -16.18 15.17
C LYS C 101 17.59 -15.88 16.41
N ILE C 102 16.28 -15.74 16.26
CA ILE C 102 15.47 -15.49 17.45
C ILE C 102 14.88 -16.82 17.84
N LYS C 103 14.87 -17.12 19.12
CA LYS C 103 14.29 -18.38 19.59
C LYS C 103 12.92 -18.27 20.28
N LYS C 104 12.13 -19.32 20.17
CA LYS C 104 10.85 -19.35 20.80
C LYS C 104 11.03 -19.05 22.24
N GLY C 105 10.21 -18.18 22.77
CA GLY C 105 10.30 -17.76 24.14
C GLY C 105 11.19 -16.57 24.47
N ASP C 106 12.02 -16.13 23.54
CA ASP C 106 12.95 -14.99 23.81
C ASP C 106 12.07 -13.73 23.97
N ARG C 107 12.35 -12.93 24.99
CA ARG C 107 11.75 -11.60 25.11
C ARG C 107 12.30 -10.74 23.97
N ILE C 108 11.42 -10.17 23.13
CA ILE C 108 11.90 -9.43 22.01
C ILE C 108 11.38 -7.98 21.96
N CYS C 109 10.31 -7.66 22.66
CA CYS C 109 9.72 -6.31 22.72
C CYS C 109 8.85 -6.11 23.94
N GLN C 110 8.28 -4.91 24.11
CA GLN C 110 7.60 -4.64 25.37
C GLN C 110 6.47 -3.69 25.06
N PHE C 111 5.41 -3.70 25.89
CA PHE C 111 4.27 -2.90 25.66
C PHE C 111 3.74 -2.25 26.92
N ARG C 112 3.00 -1.18 26.72
CA ARG C 112 2.18 -0.60 27.75
C ARG C 112 0.87 -0.15 27.06
N ILE C 113 -0.13 0.16 27.92
CA ILE C 113 -1.35 0.81 27.47
C ILE C 113 -1.35 2.25 27.78
N MET C 114 -2.13 2.99 26.98
CA MET C 114 -2.30 4.42 27.14
C MET C 114 -3.70 4.83 26.69
N LYS C 115 -4.31 5.79 27.40
CA LYS C 115 -5.61 6.25 27.05
C LYS C 115 -5.53 6.83 25.63
N LYS C 116 -6.54 6.57 24.84
CA LYS C 116 -6.68 7.10 23.48
C LYS C 116 -6.87 8.60 23.48
N MET C 117 -6.48 9.25 22.38
CA MET C 117 -6.66 10.71 22.25
C MET C 117 -8.14 11.14 22.49
N PRO C 118 -8.37 12.30 23.11
CA PRO C 118 -9.70 12.91 23.34
C PRO C 118 -10.42 13.15 22.08
N ALA C 119 -11.73 13.27 22.20
CA ALA C 119 -12.57 13.78 21.13
C ALA C 119 -12.04 15.13 20.64
N VAL C 120 -11.80 15.21 19.34
CA VAL C 120 -11.37 16.47 18.74
C VAL C 120 -11.87 16.60 17.29
N ASP C 121 -12.14 17.84 16.90
CA ASP C 121 -12.69 18.10 15.58
C ASP C 121 -11.64 18.67 14.70
N LEU C 122 -11.55 18.16 13.48
CA LEU C 122 -10.61 18.67 12.51
C LEU C 122 -11.38 19.69 11.74
N ILE C 123 -10.95 20.95 11.73
CA ILE C 123 -11.59 21.99 10.89
C ILE C 123 -10.65 22.54 9.86
N GLU C 124 -11.05 22.58 8.60
CA GLU C 124 -10.24 23.13 7.57
C GLU C 124 -10.28 24.66 7.57
N VAL C 125 -9.14 25.31 7.47
CA VAL C 125 -9.02 26.73 7.44
C VAL C 125 -8.17 27.05 6.22
N ASP C 126 -8.37 28.21 5.64
CA ASP C 126 -7.57 28.44 4.49
C ASP C 126 -6.29 29.18 4.83
N ARG C 127 -6.20 29.69 6.04
CA ARG C 127 -4.95 30.31 6.52
C ARG C 127 -4.75 30.03 8.03
N LEU C 128 -3.50 29.83 8.42
CA LEU C 128 -3.16 29.82 9.82
C LEU C 128 -2.62 31.23 10.23
N MET D 1 7.12 4.42 -37.49
CA MET D 1 6.91 4.42 -36.00
C MET D 1 7.76 3.26 -35.42
N GLN D 2 8.42 3.50 -34.31
CA GLN D 2 9.31 2.50 -33.73
C GLN D 2 9.12 2.49 -32.19
N ILE D 3 9.49 1.34 -31.60
CA ILE D 3 9.68 1.17 -30.16
C ILE D 3 11.10 0.82 -29.99
N LYS D 4 11.78 1.51 -29.09
CA LYS D 4 13.11 1.08 -28.71
C LYS D 4 13.03 0.19 -27.43
N ILE D 5 13.80 -0.90 -27.43
CA ILE D 5 13.80 -1.92 -26.39
C ILE D 5 15.25 -2.22 -25.95
N LYS D 6 15.43 -2.09 -24.65
CA LYS D 6 16.58 -2.44 -23.89
C LYS D 6 16.32 -3.69 -23.07
N TYR D 7 17.20 -4.68 -23.22
CA TYR D 7 17.12 -5.89 -22.43
C TYR D 7 17.90 -5.80 -21.14
N LEU D 8 17.48 -6.60 -20.17
CA LEU D 8 18.16 -6.57 -18.86
C LEU D 8 19.61 -7.11 -18.97
N ASP D 9 19.84 -8.11 -19.83
CA ASP D 9 21.15 -8.71 -20.02
C ASP D 9 21.08 -9.54 -21.26
N GLU D 10 22.23 -10.09 -21.62
CA GLU D 10 22.41 -10.81 -22.87
C GLU D 10 21.67 -12.11 -22.97
N THR D 11 21.29 -12.69 -21.82
CA THR D 11 20.56 -14.00 -21.72
C THR D 11 19.05 -13.87 -21.93
N GLN D 12 18.51 -12.67 -21.98
CA GLN D 12 17.12 -12.53 -22.27
C GLN D 12 16.87 -12.85 -23.70
N THR D 13 15.78 -13.61 -23.94
CA THR D 13 15.41 -13.92 -25.29
C THR D 13 14.77 -12.74 -25.93
N ARG D 14 15.35 -12.23 -27.03
CA ARG D 14 14.93 -11.03 -27.69
C ARG D 14 13.49 -11.24 -28.24
N ILE D 15 12.71 -10.20 -28.13
CA ILE D 15 11.30 -10.25 -28.47
C ILE D 15 11.13 -10.06 -29.99
N ASN D 16 10.13 -10.70 -30.56
CA ASN D 16 9.86 -10.63 -32.00
C ASN D 16 8.42 -10.13 -32.24
N LYS D 17 8.29 -9.27 -33.26
CA LYS D 17 7.05 -8.50 -33.61
C LYS D 17 6.47 -9.18 -34.85
N MET D 18 5.16 -9.44 -34.89
CA MET D 18 4.56 -9.99 -36.10
C MET D 18 4.11 -8.85 -37.01
N GLU D 19 4.59 -8.83 -38.25
CA GLU D 19 4.26 -7.70 -39.13
C GLU D 19 2.77 -7.35 -39.11
N GLN D 20 1.89 -8.32 -38.88
CA GLN D 20 0.46 -8.00 -38.94
C GLN D 20 -0.16 -7.26 -37.74
N GLY D 21 0.59 -6.87 -36.70
CA GLY D 21 -0.04 -6.07 -35.63
C GLY D 21 -0.66 -6.95 -34.49
N ASP D 22 -0.34 -8.22 -34.50
CA ASP D 22 -0.71 -9.14 -33.40
C ASP D 22 -0.11 -8.57 -32.10
N TRP D 23 -0.71 -8.89 -30.96
CA TRP D 23 -0.09 -8.62 -29.69
C TRP D 23 1.22 -9.34 -29.57
N ILE D 24 2.12 -8.78 -28.78
CA ILE D 24 3.48 -9.24 -28.68
C ILE D 24 3.71 -9.92 -27.33
N ASP D 25 4.23 -11.14 -27.39
CA ASP D 25 4.51 -11.88 -26.11
C ASP D 25 5.78 -11.39 -25.36
N LEU D 26 5.70 -11.34 -24.03
CA LEU D 26 6.79 -11.05 -23.17
C LEU D 26 7.13 -12.24 -22.34
N ARG D 27 8.41 -12.30 -21.90
CA ARG D 27 8.92 -13.43 -21.22
C ARG D 27 9.42 -13.21 -19.82
N ALA D 28 9.27 -14.24 -18.95
CA ALA D 28 9.91 -14.19 -17.64
C ALA D 28 11.49 -14.07 -17.77
N ALA D 29 12.05 -13.19 -16.98
CA ALA D 29 13.46 -12.86 -17.03
C ALA D 29 14.32 -13.81 -16.18
N GLU D 30 13.69 -14.62 -15.32
CA GLU D 30 14.39 -15.56 -14.41
C GLU D 30 13.38 -16.66 -14.03
N ASP D 31 13.85 -17.82 -13.56
CA ASP D 31 12.97 -18.76 -12.88
C ASP D 31 12.31 -18.11 -11.66
N VAL D 32 11.01 -18.31 -11.53
CA VAL D 32 10.28 -17.86 -10.35
C VAL D 32 9.36 -19.01 -9.87
N ALA D 33 9.46 -19.35 -8.60
CA ALA D 33 8.55 -20.26 -7.95
C ALA D 33 7.60 -19.47 -7.09
N ILE D 34 6.30 -19.74 -7.19
CA ILE D 34 5.26 -19.01 -6.41
C ILE D 34 4.33 -20.10 -5.79
N LYS D 35 4.14 -19.97 -4.49
CA LYS D 35 3.20 -20.81 -3.72
C LYS D 35 1.81 -20.34 -3.86
N LYS D 36 0.87 -21.26 -3.78
CA LYS D 36 -0.52 -20.94 -3.72
C LYS D 36 -0.78 -19.79 -2.78
N ASP D 37 -1.61 -18.85 -3.24
CA ASP D 37 -2.03 -17.64 -2.50
C ASP D 37 -0.87 -16.68 -2.18
N GLU D 38 0.27 -16.76 -2.89
CA GLU D 38 1.33 -15.75 -2.84
C GLU D 38 1.43 -14.97 -4.14
N PHE D 39 2.02 -13.81 -3.98
CA PHE D 39 2.21 -12.81 -5.00
C PHE D 39 3.69 -12.67 -5.38
N LYS D 40 3.93 -12.40 -6.67
CA LYS D 40 5.25 -12.04 -7.14
C LYS D 40 5.21 -11.15 -8.32
N LEU D 41 6.01 -10.07 -8.24
CA LEU D 41 6.20 -9.17 -9.38
C LEU D 41 7.24 -9.83 -10.26
N VAL D 42 6.78 -10.46 -11.33
CA VAL D 42 7.62 -11.28 -12.17
C VAL D 42 8.37 -10.34 -13.17
N PRO D 43 9.68 -10.34 -13.17
CA PRO D 43 10.36 -9.41 -14.12
C PRO D 43 10.24 -9.93 -15.56
N LEU D 44 10.07 -9.04 -16.52
CA LEU D 44 9.99 -9.34 -17.93
C LEU D 44 11.31 -9.03 -18.65
N GLY D 45 12.26 -8.38 -17.94
CA GLY D 45 13.60 -8.16 -18.49
C GLY D 45 13.78 -7.19 -19.64
N VAL D 46 12.83 -6.27 -19.81
CA VAL D 46 12.75 -5.36 -20.95
C VAL D 46 12.34 -4.02 -20.40
N ALA D 47 12.94 -2.96 -20.96
CA ALA D 47 12.55 -1.51 -20.76
C ALA D 47 12.36 -0.96 -22.18
N MET D 48 11.37 -0.07 -22.36
CA MET D 48 10.99 0.39 -23.66
C MET D 48 10.71 1.87 -23.69
N GLU D 49 11.05 2.46 -24.86
CA GLU D 49 10.64 3.81 -25.22
C GLU D 49 9.60 3.72 -26.30
N LEU D 50 8.35 3.92 -25.88
CA LEU D 50 7.22 3.81 -26.77
C LEU D 50 7.10 5.10 -27.61
N PRO D 51 6.39 5.01 -28.74
CA PRO D 51 6.17 6.19 -29.56
C PRO D 51 5.48 7.28 -28.81
N GLU D 52 5.98 8.51 -29.05
CA GLU D 52 5.28 9.66 -28.55
C GLU D 52 3.73 9.57 -28.70
N GLY D 53 3.04 9.82 -27.61
CA GLY D 53 1.58 9.83 -27.52
C GLY D 53 0.85 8.50 -27.38
N TYR D 54 1.63 7.45 -27.13
CA TYR D 54 1.10 6.05 -27.01
C TYR D 54 1.37 5.47 -25.61
N GLU D 55 0.56 4.50 -25.26
CA GLU D 55 0.77 3.69 -24.04
C GLU D 55 0.71 2.23 -24.47
N ALA D 56 1.30 1.37 -23.65
CA ALA D 56 1.18 -0.08 -23.77
C ALA D 56 0.17 -0.65 -22.76
N HIS D 57 -0.49 -1.67 -23.23
CA HIS D 57 -1.42 -2.48 -22.43
C HIS D 57 -0.85 -3.91 -22.28
N VAL D 58 -0.86 -4.36 -21.05
CA VAL D 58 -0.27 -5.69 -20.81
C VAL D 58 -1.31 -6.61 -20.16
N VAL D 59 -1.65 -7.72 -20.77
CA VAL D 59 -2.53 -8.74 -20.15
C VAL D 59 -1.93 -10.13 -20.15
N PRO D 60 -2.46 -11.06 -19.34
CA PRO D 60 -2.02 -12.47 -19.60
C PRO D 60 -2.30 -13.01 -21.01
N ARG D 61 -1.49 -13.95 -21.38
CA ARG D 61 -1.83 -14.80 -22.53
C ARG D 61 -3.01 -15.64 -22.17
N SER D 62 -3.78 -16.02 -23.18
CA SER D 62 -4.92 -16.90 -23.01
C SER D 62 -4.54 -18.16 -22.19
N SER D 63 -3.37 -18.71 -22.40
CA SER D 63 -2.89 -19.99 -21.80
C SER D 63 -2.13 -19.83 -20.52
N THR D 64 -1.98 -18.60 -20.00
CA THR D 64 -1.19 -18.39 -18.78
C THR D 64 -1.78 -19.12 -17.58
N TYR D 65 -3.10 -19.10 -17.46
CA TYR D 65 -3.71 -19.80 -16.30
C TYR D 65 -3.52 -21.33 -16.40
N LYS D 66 -3.84 -21.92 -17.54
CA LYS D 66 -3.59 -23.39 -17.79
C LYS D 66 -2.14 -23.78 -17.48
N ASN D 67 -1.20 -23.07 -18.06
CA ASN D 67 0.18 -23.33 -17.98
C ASN D 67 0.79 -23.00 -16.65
N PHE D 68 0.38 -21.90 -15.99
CA PHE D 68 1.08 -21.44 -14.78
C PHE D 68 0.28 -21.16 -13.52
N GLY D 69 -1.05 -21.20 -13.62
CA GLY D 69 -1.90 -21.05 -12.43
C GLY D 69 -1.80 -19.68 -11.81
N VAL D 70 -1.58 -18.63 -12.63
CA VAL D 70 -1.51 -17.26 -12.05
C VAL D 70 -2.54 -16.39 -12.78
N ILE D 71 -3.00 -15.42 -12.04
CA ILE D 71 -3.78 -14.27 -12.54
C ILE D 71 -3.01 -12.99 -12.35
N GLN D 72 -3.40 -12.00 -13.12
CA GLN D 72 -2.70 -10.73 -13.11
C GLN D 72 -3.44 -9.78 -12.19
N THR D 73 -2.84 -9.41 -11.08
CA THR D 73 -3.53 -8.69 -9.99
C THR D 73 -4.12 -7.31 -10.37
N ASN D 74 -3.45 -6.58 -11.28
CA ASN D 74 -3.93 -5.34 -11.78
C ASN D 74 -4.81 -5.43 -13.03
N SER D 75 -5.22 -6.67 -13.39
CA SER D 75 -6.05 -6.95 -14.57
C SER D 75 -5.31 -6.70 -15.87
N MET D 76 -5.05 -5.46 -16.18
CA MET D 76 -4.31 -4.95 -17.39
C MET D 76 -3.40 -3.89 -16.86
N GLY D 77 -2.14 -3.99 -17.26
CA GLY D 77 -1.05 -3.06 -16.86
C GLY D 77 -1.01 -1.95 -17.91
N VAL D 78 -0.90 -0.69 -17.50
CA VAL D 78 -0.81 0.43 -18.42
C VAL D 78 0.66 0.92 -18.33
N ILE D 79 1.37 0.91 -19.45
CA ILE D 79 2.73 1.42 -19.50
C ILE D 79 2.72 2.73 -20.25
N ASP D 80 2.94 3.83 -19.54
CA ASP D 80 2.88 5.17 -20.20
C ASP D 80 4.13 5.48 -21.03
N GLU D 81 3.97 6.36 -22.01
CA GLU D 81 5.12 6.87 -22.80
C GLU D 81 6.25 7.37 -21.90
N SER D 82 5.92 7.84 -20.71
CA SER D 82 6.91 8.46 -19.84
C SER D 82 7.74 7.43 -19.02
N TYR D 83 7.35 6.15 -19.02
CA TYR D 83 8.14 5.09 -18.42
C TYR D 83 9.12 4.65 -19.48
N LYS D 84 10.17 5.46 -19.72
CA LYS D 84 11.08 5.22 -20.85
C LYS D 84 12.58 5.30 -20.38
N GLY D 85 12.77 5.25 -19.08
CA GLY D 85 14.07 5.33 -18.47
C GLY D 85 14.87 4.07 -18.56
N ASP D 86 16.17 4.26 -18.36
CA ASP D 86 17.11 3.19 -18.42
C ASP D 86 16.90 2.11 -17.37
N ASN D 87 16.27 2.44 -16.24
CA ASN D 87 15.92 1.47 -15.23
C ASN D 87 14.39 1.13 -15.12
N ASP D 88 13.64 1.51 -16.16
CA ASP D 88 12.17 1.39 -16.19
C ASP D 88 11.80 0.07 -16.87
N PHE D 89 12.13 -0.99 -16.15
CA PHE D 89 11.89 -2.34 -16.65
C PHE D 89 10.43 -2.73 -16.37
N TRP D 90 9.96 -3.66 -17.17
CA TRP D 90 8.57 -4.07 -17.10
C TRP D 90 8.41 -5.30 -16.22
N PHE D 91 7.25 -5.39 -15.56
CA PHE D 91 6.95 -6.52 -14.64
C PHE D 91 5.49 -7.04 -14.90
N PHE D 92 5.28 -8.29 -14.57
CA PHE D 92 3.94 -8.96 -14.64
C PHE D 92 3.53 -9.26 -13.21
N PRO D 93 2.55 -8.55 -12.67
CA PRO D 93 2.15 -8.77 -11.22
C PRO D 93 1.29 -10.08 -11.07
N ALA D 94 1.86 -11.17 -10.58
CA ALA D 94 1.20 -12.45 -10.58
C ALA D 94 0.77 -12.86 -9.18
N TYR D 95 -0.44 -13.37 -9.09
CA TYR D 95 -0.96 -13.98 -7.90
C TYR D 95 -1.25 -15.46 -8.23
N ALA D 96 -0.67 -16.39 -7.47
CA ALA D 96 -0.76 -17.77 -7.79
C ALA D 96 -1.98 -18.43 -7.08
N LEU D 97 -2.80 -19.09 -7.89
CA LEU D 97 -3.95 -19.80 -7.34
C LEU D 97 -3.60 -21.24 -6.99
N ARG D 98 -2.41 -21.66 -7.39
CA ARG D 98 -1.88 -22.98 -7.08
C ARG D 98 -0.36 -22.87 -7.05
N ASP D 99 0.31 -23.78 -6.35
CA ASP D 99 1.74 -23.74 -6.30
C ASP D 99 2.17 -23.83 -7.76
N THR D 100 3.16 -23.06 -8.16
CA THR D 100 3.61 -23.08 -9.54
C THR D 100 5.06 -22.65 -9.71
N LYS D 101 5.65 -22.95 -10.84
CA LYS D 101 6.96 -22.49 -11.18
C LYS D 101 6.90 -21.85 -12.56
N ILE D 102 7.54 -20.71 -12.72
CA ILE D 102 7.63 -20.08 -14.05
C ILE D 102 9.13 -20.20 -14.38
N LYS D 103 9.42 -20.68 -15.59
CA LYS D 103 10.76 -20.76 -16.05
C LYS D 103 11.22 -19.56 -16.87
N LYS D 104 12.48 -19.23 -16.68
CA LYS D 104 13.10 -18.16 -17.43
C LYS D 104 12.87 -18.34 -18.90
N GLY D 105 12.47 -17.27 -19.57
CA GLY D 105 12.04 -17.42 -20.94
C GLY D 105 10.59 -17.70 -21.24
N ASP D 106 9.82 -18.19 -20.25
CA ASP D 106 8.43 -18.52 -20.55
C ASP D 106 7.62 -17.30 -21.04
N ARG D 107 6.85 -17.44 -22.11
CA ARG D 107 5.91 -16.40 -22.55
C ARG D 107 4.70 -16.37 -21.65
N ILE D 108 4.69 -15.40 -20.71
CA ILE D 108 3.66 -15.31 -19.66
C ILE D 108 2.63 -14.21 -19.83
N CYS D 109 2.94 -13.21 -20.63
CA CYS D 109 1.99 -12.14 -20.89
C CYS D 109 2.22 -11.59 -22.28
N GLN D 110 1.40 -10.59 -22.64
CA GLN D 110 1.35 -10.04 -23.97
C GLN D 110 0.93 -8.56 -23.94
N PHE D 111 1.40 -7.78 -24.94
CA PHE D 111 1.16 -6.33 -25.01
C PHE D 111 0.90 -5.85 -26.43
N ARG D 112 0.26 -4.72 -26.46
CA ARG D 112 0.11 -3.89 -27.69
C ARG D 112 0.23 -2.44 -27.25
N ILE D 113 0.54 -1.53 -28.18
CA ILE D 113 0.36 -0.14 -27.93
C ILE D 113 -0.95 0.37 -28.40
N MET D 114 -1.33 1.53 -27.84
CA MET D 114 -2.58 2.17 -28.17
C MET D 114 -2.38 3.66 -27.99
N LYS D 115 -3.02 4.45 -28.85
CA LYS D 115 -2.91 5.88 -28.69
C LYS D 115 -3.49 6.24 -27.37
N LYS D 116 -2.92 7.23 -26.71
CA LYS D 116 -3.46 7.74 -25.45
C LYS D 116 -4.71 8.56 -25.74
N MET D 117 -5.55 8.70 -24.74
CA MET D 117 -6.81 9.40 -24.93
C MET D 117 -6.58 10.88 -25.26
N PRO D 118 -7.45 11.43 -26.14
CA PRO D 118 -7.22 12.86 -26.48
C PRO D 118 -7.31 13.74 -25.24
N ALA D 119 -6.77 14.94 -25.34
CA ALA D 119 -6.87 15.92 -24.22
C ALA D 119 -8.33 16.22 -23.97
N VAL D 120 -8.72 16.39 -22.72
CA VAL D 120 -10.14 16.65 -22.44
C VAL D 120 -10.29 17.57 -21.23
N ASP D 121 -11.38 18.34 -21.23
CA ASP D 121 -11.73 19.21 -20.12
C ASP D 121 -12.72 18.55 -19.21
N LEU D 122 -12.36 18.44 -17.95
CA LEU D 122 -13.20 17.86 -16.95
C LEU D 122 -13.97 19.02 -16.32
N ILE D 123 -15.28 19.08 -16.52
CA ILE D 123 -16.03 20.23 -16.00
C ILE D 123 -17.03 19.73 -14.98
N GLU D 124 -16.95 20.27 -13.78
CA GLU D 124 -17.91 19.97 -12.71
C GLU D 124 -19.25 20.58 -12.96
N VAL D 125 -20.31 19.81 -12.77
CA VAL D 125 -21.71 20.31 -12.85
C VAL D 125 -22.42 19.85 -11.62
N ASP D 126 -23.47 20.56 -11.22
CA ASP D 126 -24.29 20.18 -10.04
C ASP D 126 -25.32 19.05 -10.26
N ARG D 127 -25.61 18.75 -11.53
CA ARG D 127 -26.54 17.68 -11.87
C ARG D 127 -26.35 17.31 -13.34
N LEU D 128 -26.73 16.09 -13.72
CA LEU D 128 -26.52 15.65 -15.15
C LEU D 128 -27.85 15.49 -15.94
N MET E 1 -18.75 -2.69 -43.21
CA MET E 1 -18.05 -3.54 -42.17
C MET E 1 -18.98 -4.58 -41.58
N GLN E 2 -18.58 -5.85 -41.63
CA GLN E 2 -19.41 -6.87 -41.06
C GLN E 2 -18.58 -7.93 -40.34
N ILE E 3 -19.27 -8.73 -39.52
CA ILE E 3 -18.68 -9.86 -38.85
C ILE E 3 -19.50 -11.04 -39.26
N LYS E 4 -18.87 -12.08 -39.76
CA LYS E 4 -19.52 -13.35 -40.01
C LYS E 4 -19.50 -14.12 -38.71
N ILE E 5 -20.64 -14.71 -38.35
CA ILE E 5 -20.79 -15.50 -37.11
C ILE E 5 -21.39 -16.85 -37.43
N LYS E 6 -20.70 -17.92 -37.03
CA LYS E 6 -21.16 -19.29 -37.13
C LYS E 6 -21.48 -19.72 -35.70
N TYR E 7 -22.64 -20.35 -35.54
CA TYR E 7 -23.09 -20.93 -34.24
C TYR E 7 -22.75 -22.42 -34.14
N LEU E 8 -22.43 -22.88 -32.96
CA LEU E 8 -22.16 -24.33 -32.70
C LEU E 8 -23.25 -25.27 -33.17
N ASP E 9 -24.50 -24.84 -32.97
CA ASP E 9 -25.68 -25.58 -33.30
C ASP E 9 -26.95 -24.73 -33.29
N GLU E 10 -28.07 -25.33 -33.67
CA GLU E 10 -29.34 -24.63 -33.70
C GLU E 10 -29.87 -24.15 -32.34
N THR E 11 -29.42 -24.79 -31.28
CA THR E 11 -29.91 -24.46 -29.94
C THR E 11 -29.20 -23.19 -29.34
N GLN E 12 -28.19 -22.70 -30.02
CA GLN E 12 -27.46 -21.46 -29.56
C GLN E 12 -28.41 -20.28 -29.82
N THR E 13 -28.64 -19.42 -28.81
CA THR E 13 -29.51 -18.26 -29.01
C THR E 13 -28.69 -17.25 -29.76
N ARG E 14 -29.19 -16.87 -30.94
CA ARG E 14 -28.52 -15.91 -31.79
C ARG E 14 -28.17 -14.65 -31.00
N ILE E 15 -27.10 -13.98 -31.42
CA ILE E 15 -26.66 -12.78 -30.73
C ILE E 15 -27.34 -11.62 -31.44
N ASN E 16 -27.73 -10.61 -30.68
CA ASN E 16 -28.30 -9.40 -31.24
C ASN E 16 -27.35 -8.27 -30.82
N LYS E 17 -26.95 -7.52 -31.84
CA LYS E 17 -26.13 -6.29 -31.80
C LYS E 17 -27.00 -5.03 -31.69
N MET E 18 -26.57 -4.05 -30.90
CA MET E 18 -27.33 -2.82 -30.73
C MET E 18 -26.58 -1.63 -31.30
N GLN E 20 -25.97 1.28 -31.73
CA GLN E 20 -24.69 1.97 -31.65
C GLN E 20 -23.59 1.03 -31.21
N GLY E 21 -22.37 1.54 -31.12
CA GLY E 21 -21.21 0.74 -30.71
C GLY E 21 -21.16 0.19 -29.26
N ASP E 22 -22.30 -0.08 -28.67
CA ASP E 22 -22.42 -0.89 -27.41
C ASP E 22 -21.65 -2.23 -27.46
N TRP E 23 -20.97 -2.58 -26.38
CA TRP E 23 -20.42 -3.96 -26.29
C TRP E 23 -21.55 -4.95 -26.41
N ILE E 24 -21.21 -6.14 -26.91
CA ILE E 24 -22.18 -7.18 -27.29
C ILE E 24 -22.06 -8.37 -26.38
N ASP E 25 -23.18 -8.77 -25.74
CA ASP E 25 -23.14 -9.88 -24.83
C ASP E 25 -23.05 -11.25 -25.51
N LEU E 26 -22.24 -12.13 -24.99
CA LEU E 26 -22.15 -13.48 -25.39
C LEU E 26 -22.68 -14.43 -24.30
N ARG E 27 -23.15 -15.59 -24.72
CA ARG E 27 -23.84 -16.50 -23.82
C ARG E 27 -23.20 -17.88 -23.81
N ALA E 28 -23.30 -18.53 -22.66
CA ALA E 28 -22.77 -19.90 -22.46
C ALA E 28 -23.53 -20.86 -23.43
N ALA E 29 -22.78 -21.78 -24.03
CA ALA E 29 -23.29 -22.78 -24.97
C ALA E 29 -23.93 -24.01 -24.34
N GLU E 30 -23.68 -24.24 -23.03
CA GLU E 30 -24.19 -25.37 -22.32
C GLU E 30 -24.12 -25.03 -20.80
N ASP E 31 -24.82 -25.80 -20.02
CA ASP E 31 -24.74 -25.65 -18.56
C ASP E 31 -23.32 -26.01 -18.19
N VAL E 32 -22.70 -25.22 -17.32
CA VAL E 32 -21.39 -25.50 -16.74
C VAL E 32 -21.43 -25.31 -15.19
N ALA E 33 -21.16 -26.39 -14.44
CA ALA E 33 -21.01 -26.42 -12.97
C ALA E 33 -19.51 -26.34 -12.70
N ILE E 34 -19.15 -25.40 -11.84
CA ILE E 34 -17.77 -25.18 -11.47
C ILE E 34 -17.66 -25.19 -9.98
N LYS E 35 -16.82 -26.10 -9.44
CA LYS E 35 -16.66 -26.15 -7.96
C LYS E 35 -15.78 -24.95 -7.49
N LYS E 36 -15.91 -24.56 -6.21
CA LYS E 36 -15.06 -23.52 -5.67
C LYS E 36 -13.57 -23.84 -5.89
N ASP E 37 -12.83 -22.81 -6.29
CA ASP E 37 -11.43 -22.94 -6.54
C ASP E 37 -11.08 -23.82 -7.73
N GLU E 38 -11.98 -23.99 -8.68
CA GLU E 38 -11.70 -24.72 -9.87
C GLU E 38 -11.91 -23.84 -11.10
N PHE E 39 -11.30 -24.30 -12.17
CA PHE E 39 -11.20 -23.62 -13.48
C PHE E 39 -11.95 -24.37 -14.59
N LYS E 40 -12.77 -23.68 -15.39
CA LYS E 40 -13.22 -24.26 -16.68
C LYS E 40 -13.27 -23.26 -17.80
N LEU E 41 -13.06 -23.76 -19.04
CA LEU E 41 -13.29 -22.92 -20.24
C LEU E 41 -14.77 -23.06 -20.53
N VAL E 42 -15.55 -22.00 -20.41
CA VAL E 42 -16.97 -22.03 -20.71
C VAL E 42 -17.14 -21.78 -22.19
N PRO E 43 -17.67 -22.77 -22.96
CA PRO E 43 -17.87 -22.45 -24.41
C PRO E 43 -18.89 -21.38 -24.61
N LEU E 44 -18.70 -20.57 -25.62
CA LEU E 44 -19.67 -19.52 -25.98
C LEU E 44 -20.48 -19.85 -27.26
N GLY E 45 -20.11 -20.94 -27.92
CA GLY E 45 -20.91 -21.50 -29.02
C GLY E 45 -20.93 -20.68 -30.28
N VAL E 46 -19.97 -19.78 -30.42
CA VAL E 46 -19.80 -18.91 -31.58
C VAL E 46 -18.35 -18.96 -32.10
N ALA E 47 -18.26 -18.89 -33.39
CA ALA E 47 -16.97 -18.72 -34.15
C ALA E 47 -17.24 -17.57 -35.07
N MET E 48 -16.25 -16.70 -35.23
CA MET E 48 -16.41 -15.48 -36.01
C MET E 48 -15.22 -15.17 -36.96
N GLU E 49 -15.54 -14.55 -38.11
CA GLU E 49 -14.60 -13.89 -38.98
C GLU E 49 -14.71 -12.38 -38.81
N LEU E 50 -13.77 -11.81 -38.03
CA LEU E 50 -13.70 -10.42 -37.76
C LEU E 50 -13.22 -9.60 -38.99
N PRO E 51 -13.55 -8.31 -39.03
CA PRO E 51 -13.06 -7.53 -40.18
C PRO E 51 -11.54 -7.47 -40.23
N GLU E 52 -11.07 -7.33 -41.46
CA GLU E 52 -9.64 -7.36 -41.76
C GLU E 52 -8.95 -6.23 -41.04
N GLY E 53 -7.89 -6.56 -40.31
CA GLY E 53 -7.21 -5.54 -39.52
C GLY E 53 -7.71 -5.21 -38.09
N TYR E 54 -8.74 -5.93 -37.67
CA TYR E 54 -9.38 -5.79 -36.34
C TYR E 54 -9.12 -6.95 -35.39
N GLU E 55 -9.37 -6.72 -34.09
CA GLU E 55 -9.35 -7.83 -33.17
C GLU E 55 -10.55 -7.60 -32.24
N ALA E 56 -10.89 -8.63 -31.52
CA ALA E 56 -12.00 -8.59 -30.56
C ALA E 56 -11.38 -8.62 -29.19
N HIS E 57 -12.02 -7.90 -28.26
CA HIS E 57 -11.78 -7.92 -26.82
C HIS E 57 -12.99 -8.45 -26.04
N VAL E 58 -12.69 -9.39 -25.18
CA VAL E 58 -13.71 -10.05 -24.31
C VAL E 58 -13.41 -9.81 -22.83
N VAL E 59 -14.37 -9.24 -22.12
CA VAL E 59 -14.34 -9.09 -20.67
C VAL E 59 -15.61 -9.61 -20.00
N PRO E 60 -15.53 -9.94 -18.73
CA PRO E 60 -16.83 -10.18 -18.04
C PRO E 60 -17.89 -9.06 -18.10
N ARG E 61 -19.13 -9.44 -17.96
CA ARG E 61 -20.16 -8.47 -17.76
C ARG E 61 -20.01 -7.96 -16.31
N SER E 62 -20.64 -6.81 -16.03
CA SER E 62 -20.36 -6.33 -14.65
CA SER E 62 -20.33 -6.40 -14.67
C SER E 62 -20.95 -7.40 -13.70
N SER E 63 -22.18 -7.77 -14.03
CA SER E 63 -22.97 -8.58 -13.16
C SER E 63 -22.53 -10.03 -13.04
N THR E 64 -21.52 -10.43 -13.76
CA THR E 64 -21.09 -11.81 -13.76
C THR E 64 -20.56 -12.31 -12.41
N TYR E 65 -19.80 -11.49 -11.73
CA TYR E 65 -19.39 -11.92 -10.42
C TYR E 65 -20.55 -12.09 -9.41
N LYS E 66 -21.46 -11.14 -9.34
CA LYS E 66 -22.61 -11.19 -8.45
C LYS E 66 -23.52 -12.37 -8.77
N ASN E 67 -23.70 -12.64 -10.06
CA ASN E 67 -24.58 -13.74 -10.51
C ASN E 67 -23.92 -15.11 -10.42
N PHE E 68 -22.60 -15.18 -10.67
CA PHE E 68 -21.92 -16.46 -10.84
C PHE E 68 -20.70 -16.79 -9.99
N GLY E 69 -20.12 -15.77 -9.36
CA GLY E 69 -18.93 -15.91 -8.52
C GLY E 69 -17.70 -16.39 -9.24
N VAL E 70 -17.53 -15.98 -10.52
CA VAL E 70 -16.39 -16.32 -11.33
C VAL E 70 -15.61 -15.06 -11.75
N ILE E 71 -14.33 -15.21 -11.97
CA ILE E 71 -13.48 -14.19 -12.57
C ILE E 71 -12.96 -14.79 -13.85
N GLN E 72 -12.54 -13.92 -14.78
CA GLN E 72 -11.97 -14.31 -16.03
C GLN E 72 -10.50 -14.35 -15.91
N THR E 73 -9.91 -15.56 -16.03
CA THR E 73 -8.52 -15.79 -15.61
C THR E 73 -7.43 -15.06 -16.43
N ASN E 74 -7.72 -14.76 -17.68
CA ASN E 74 -6.83 -14.00 -18.59
C ASN E 74 -7.16 -12.46 -18.62
N SER E 75 -8.04 -12.01 -17.74
CA SER E 75 -8.47 -10.62 -17.51
C SER E 75 -9.28 -10.07 -18.70
N MET E 76 -8.63 -9.95 -19.88
CA MET E 76 -9.31 -9.56 -21.09
C MET E 76 -8.81 -10.49 -22.18
N GLY E 77 -9.72 -11.16 -22.85
CA GLY E 77 -9.39 -12.10 -23.90
C GLY E 77 -9.17 -11.28 -25.21
N VAL E 78 -8.18 -11.66 -26.01
CA VAL E 78 -7.95 -10.97 -27.28
C VAL E 78 -8.10 -11.96 -28.44
N ILE E 79 -9.10 -11.77 -29.28
CA ILE E 79 -9.33 -12.72 -30.37
C ILE E 79 -8.86 -12.04 -31.70
N ASP E 80 -7.84 -12.61 -32.31
CA ASP E 80 -7.25 -11.99 -33.52
C ASP E 80 -8.08 -12.27 -34.73
N GLU E 81 -7.84 -11.47 -35.77
CA GLU E 81 -8.49 -11.66 -37.04
C GLU E 81 -8.21 -13.02 -37.52
N SER E 82 -7.04 -13.55 -37.22
CA SER E 82 -6.69 -14.84 -37.83
C SER E 82 -7.50 -16.04 -37.25
N TYR E 83 -8.18 -15.86 -36.09
CA TYR E 83 -8.97 -16.90 -35.45
C TYR E 83 -10.38 -16.96 -36.08
N LYS E 84 -10.44 -17.47 -37.31
CA LYS E 84 -11.56 -17.32 -38.16
C LYS E 84 -11.85 -18.61 -38.90
N GLY E 85 -11.25 -19.70 -38.45
CA GLY E 85 -11.59 -21.02 -38.98
C GLY E 85 -12.93 -21.57 -38.54
N ASP E 86 -13.41 -22.53 -39.29
CA ASP E 86 -14.66 -23.18 -39.00
C ASP E 86 -14.80 -23.83 -37.59
N ASN E 87 -13.68 -24.20 -37.01
CA ASN E 87 -13.69 -24.79 -35.69
C ASN E 87 -13.10 -23.85 -34.63
N ASP E 88 -13.06 -22.55 -34.92
CA ASP E 88 -12.39 -21.60 -34.02
C ASP E 88 -13.46 -20.95 -33.15
N PHE E 89 -14.00 -21.76 -32.23
CA PHE E 89 -15.05 -21.30 -31.31
C PHE E 89 -14.47 -20.54 -30.13
N TRP E 90 -15.26 -19.66 -29.58
CA TRP E 90 -14.80 -18.75 -28.51
C TRP E 90 -15.17 -19.39 -27.12
N PHE E 91 -14.34 -19.13 -26.14
CA PHE E 91 -14.51 -19.61 -24.77
C PHE E 91 -14.34 -18.46 -23.80
N PHE E 92 -14.98 -18.56 -22.63
CA PHE E 92 -14.70 -17.70 -21.53
C PHE E 92 -13.96 -18.46 -20.41
N PRO E 93 -12.70 -18.08 -20.09
CA PRO E 93 -11.96 -18.88 -19.12
C PRO E 93 -12.34 -18.44 -17.69
N ALA E 94 -13.07 -19.30 -17.00
CA ALA E 94 -13.71 -18.96 -15.70
C ALA E 94 -13.01 -19.69 -14.53
N TYR E 95 -12.66 -18.95 -13.49
CA TYR E 95 -12.19 -19.50 -12.25
C TYR E 95 -13.29 -19.23 -11.23
N ALA E 96 -13.76 -20.28 -10.54
CA ALA E 96 -14.81 -20.05 -9.60
C ALA E 96 -14.35 -19.72 -8.21
N LEU E 97 -14.90 -18.61 -7.68
CA LEU E 97 -14.58 -18.25 -6.28
C LEU E 97 -15.51 -18.85 -5.22
N ARG E 98 -16.59 -19.45 -5.71
CA ARG E 98 -17.57 -20.15 -4.90
C ARG E 98 -18.20 -21.20 -5.80
N ASP E 99 -18.75 -22.25 -5.22
CA ASP E 99 -19.40 -23.27 -6.03
C ASP E 99 -20.45 -22.55 -6.84
N THR E 100 -20.56 -22.88 -8.10
CA THR E 100 -21.44 -22.16 -8.96
C THR E 100 -21.90 -22.98 -10.14
N LYS E 101 -22.94 -22.51 -10.78
CA LYS E 101 -23.44 -23.11 -12.01
C LYS E 101 -23.87 -22.03 -12.92
N ILE E 102 -23.40 -22.12 -14.15
CA ILE E 102 -23.76 -21.21 -15.16
C ILE E 102 -24.74 -22.01 -16.07
N LYS E 103 -25.80 -21.38 -16.54
CA LYS E 103 -26.80 -22.05 -17.37
C LYS E 103 -26.65 -21.73 -18.87
N LYS E 104 -26.92 -22.72 -19.68
CA LYS E 104 -27.02 -22.54 -21.14
C LYS E 104 -27.82 -21.31 -21.49
N GLY E 105 -27.24 -20.43 -22.29
CA GLY E 105 -27.92 -19.21 -22.68
C GLY E 105 -27.51 -18.03 -21.84
N ASP E 106 -26.91 -18.23 -20.68
CA ASP E 106 -26.68 -17.07 -19.77
C ASP E 106 -25.70 -16.09 -20.38
N ARG E 107 -26.02 -14.82 -20.34
CA ARG E 107 -25.12 -13.78 -20.84
C ARG E 107 -23.98 -13.51 -19.85
N ILE E 108 -22.81 -14.08 -20.07
CA ILE E 108 -21.78 -14.07 -19.03
C ILE E 108 -20.60 -13.18 -19.34
N CYS E 109 -20.46 -12.83 -20.60
CA CYS E 109 -19.29 -11.88 -20.97
C CYS E 109 -19.75 -10.99 -22.09
N GLN E 110 -18.84 -10.11 -22.56
CA GLN E 110 -19.25 -9.14 -23.54
C GLN E 110 -18.01 -8.81 -24.38
N PHE E 111 -18.21 -8.48 -25.65
CA PHE E 111 -17.08 -8.13 -26.57
C PHE E 111 -17.28 -6.84 -27.38
N ARG E 112 -16.15 -6.38 -27.89
CA ARG E 112 -16.11 -5.35 -28.94
C ARG E 112 -14.88 -5.59 -29.80
N ILE E 113 -14.88 -4.97 -30.95
CA ILE E 113 -13.76 -4.99 -31.90
C ILE E 113 -13.00 -3.70 -31.76
N MET E 114 -11.69 -3.77 -32.00
CA MET E 114 -10.88 -2.56 -32.08
C MET E 114 -9.92 -2.83 -33.20
N LYS E 115 -9.51 -1.75 -33.86
CA LYS E 115 -8.46 -1.87 -34.87
C LYS E 115 -7.16 -2.38 -34.20
N LYS E 116 -6.39 -3.17 -34.92
CA LYS E 116 -5.15 -3.69 -34.38
C LYS E 116 -4.08 -2.63 -34.36
N MET E 117 -3.02 -2.88 -33.61
CA MET E 117 -2.09 -1.85 -33.44
C MET E 117 -1.40 -1.59 -34.84
N PRO E 118 -0.91 -0.39 -35.03
CA PRO E 118 -0.35 -0.01 -36.34
C PRO E 118 1.05 -0.59 -36.51
N ALA E 119 1.50 -0.47 -37.75
CA ALA E 119 2.85 -0.82 -38.16
C ALA E 119 3.82 -0.06 -37.28
N VAL E 120 4.75 -0.80 -36.67
CA VAL E 120 5.79 -0.26 -35.79
C VAL E 120 7.02 -1.20 -35.84
N ASP E 121 8.23 -0.64 -35.82
CA ASP E 121 9.46 -1.47 -35.78
C ASP E 121 9.93 -1.59 -34.32
N LEU E 122 10.39 -2.78 -33.96
CA LEU E 122 11.06 -2.98 -32.71
C LEU E 122 12.56 -2.82 -32.94
N ILE E 123 13.20 -1.89 -32.26
CA ILE E 123 14.67 -1.74 -32.35
C ILE E 123 15.34 -1.86 -31.02
N GLU E 124 16.31 -2.76 -30.92
CA GLU E 124 17.08 -2.96 -29.70
C GLU E 124 18.11 -1.88 -29.59
N VAL E 125 18.25 -1.32 -28.41
CA VAL E 125 19.31 -0.37 -28.05
C VAL E 125 20.01 -0.75 -26.78
N ASP E 126 21.22 -0.22 -26.57
CA ASP E 126 22.02 -0.56 -25.40
C ASP E 126 21.68 0.33 -24.21
N ARG E 127 21.02 1.46 -24.46
CA ARG E 127 20.68 2.38 -23.33
C ARG E 127 19.43 3.13 -23.76
N LEU E 128 18.56 3.57 -22.86
CA LEU E 128 17.44 4.43 -23.25
C LEU E 128 17.76 5.95 -22.98
N MET F 1 -12.84 18.76 -26.55
CA MET F 1 -13.74 17.71 -26.00
C MET F 1 -13.81 17.80 -24.49
N GLN F 2 -14.97 17.49 -23.92
CA GLN F 2 -15.14 17.56 -22.46
C GLN F 2 -15.97 16.44 -21.88
N ILE F 3 -15.69 16.17 -20.61
CA ILE F 3 -16.51 15.35 -19.75
C ILE F 3 -17.11 16.21 -18.61
N LYS F 4 -18.40 16.02 -18.36
CA LYS F 4 -19.15 16.68 -17.26
C LYS F 4 -19.17 15.70 -16.10
N ILE F 5 -18.77 16.18 -14.94
CA ILE F 5 -18.62 15.31 -13.78
C ILE F 5 -19.44 15.85 -12.64
N LYS F 6 -20.25 14.99 -12.03
CA LYS F 6 -21.05 15.32 -10.86
C LYS F 6 -20.55 14.48 -9.65
N TYR F 7 -20.29 15.14 -8.52
CA TYR F 7 -19.79 14.46 -7.33
C TYR F 7 -20.94 14.10 -6.42
N LEU F 8 -20.85 12.92 -5.78
CA LEU F 8 -21.79 12.50 -4.74
C LEU F 8 -22.05 13.56 -3.75
N ASP F 9 -21.03 14.23 -3.24
CA ASP F 9 -21.21 15.27 -2.25
C ASP F 9 -19.98 16.16 -2.18
N GLU F 10 -20.05 17.16 -1.29
CA GLU F 10 -19.02 18.19 -1.20
C GLU F 10 -17.74 17.74 -0.48
N THR F 11 -17.68 16.48 -0.07
CA THR F 11 -16.49 15.97 0.63
C THR F 11 -15.64 15.12 -0.33
N GLN F 12 -16.21 14.72 -1.44
CA GLN F 12 -15.43 13.96 -2.49
C GLN F 12 -14.31 14.83 -3.02
N THR F 13 -13.15 14.25 -3.22
CA THR F 13 -12.04 14.99 -3.71
C THR F 13 -12.14 15.17 -5.18
N ARG F 14 -12.08 16.43 -5.62
CA ARG F 14 -12.20 16.77 -7.03
C ARG F 14 -11.06 16.21 -7.84
N ILE F 15 -11.42 15.66 -8.97
CA ILE F 15 -10.51 14.96 -9.84
C ILE F 15 -9.66 15.81 -10.72
N ASN F 16 -8.54 15.26 -11.17
CA ASN F 16 -7.61 16.03 -12.00
C ASN F 16 -7.00 15.23 -13.18
N LYS F 17 -7.01 15.83 -14.37
CA LYS F 17 -6.48 15.18 -15.56
C LYS F 17 -7.02 15.81 -16.83
N GLU F 19 -5.49 17.27 -20.15
CA GLU F 19 -4.98 17.60 -21.48
C GLU F 19 -3.73 16.79 -21.81
N GLN F 20 -3.28 15.99 -20.84
CA GLN F 20 -2.09 15.16 -21.01
C GLN F 20 -2.32 13.71 -21.51
N GLY F 21 -3.56 13.21 -21.47
CA GLY F 21 -3.90 11.85 -21.96
C GLY F 21 -3.65 10.69 -20.98
N ASP F 22 -3.00 10.97 -19.85
CA ASP F 22 -2.80 9.96 -18.82
C ASP F 22 -4.14 9.47 -18.33
N TRP F 23 -4.14 8.28 -17.76
CA TRP F 23 -5.33 7.78 -17.14
C TRP F 23 -5.60 8.50 -15.82
N ILE F 24 -6.83 8.50 -15.39
CA ILE F 24 -7.28 9.43 -14.35
C ILE F 24 -7.65 8.63 -13.13
N ASP F 25 -7.14 9.03 -11.96
CA ASP F 25 -7.38 8.20 -10.77
C ASP F 25 -8.73 8.51 -10.16
N LEU F 26 -9.50 7.46 -9.81
CA LEU F 26 -10.69 7.58 -9.01
C LEU F 26 -10.49 7.09 -7.58
N ARG F 27 -11.32 7.62 -6.71
CA ARG F 27 -11.18 7.41 -5.28
C ARG F 27 -12.42 6.90 -4.56
N ALA F 28 -12.22 6.10 -3.52
CA ALA F 28 -13.26 5.65 -2.63
C ALA F 28 -14.11 6.78 -2.03
N ALA F 29 -15.43 6.66 -2.15
CA ALA F 29 -16.38 7.68 -1.65
C ALA F 29 -16.57 7.66 -0.17
N GLU F 30 -16.18 6.54 0.43
CA GLU F 30 -16.48 6.24 1.83
C GLU F 30 -15.51 5.17 2.27
N ASP F 31 -15.36 4.98 3.57
CA ASP F 31 -14.58 3.85 4.08
C ASP F 31 -15.26 2.51 3.78
N VAL F 32 -14.47 1.55 3.30
CA VAL F 32 -14.96 0.21 2.96
C VAL F 32 -14.02 -0.83 3.57
N ALA F 33 -14.52 -1.65 4.48
CA ALA F 33 -13.70 -2.71 5.02
C ALA F 33 -14.14 -4.03 4.35
N ILE F 34 -13.23 -4.86 3.86
CA ILE F 34 -13.57 -6.13 3.20
C ILE F 34 -12.76 -7.22 3.86
N LYS F 35 -13.43 -8.29 4.36
CA LYS F 35 -12.67 -9.46 4.83
C LYS F 35 -12.15 -10.30 3.67
N LYS F 36 -11.07 -11.03 3.94
CA LYS F 36 -10.53 -12.04 3.02
C LYS F 36 -11.64 -12.85 2.42
N ASP F 37 -11.62 -13.03 1.10
CA ASP F 37 -12.61 -13.86 0.41
C ASP F 37 -14.07 -13.32 0.35
N GLU F 38 -14.23 -12.02 0.52
CA GLU F 38 -15.47 -11.33 0.46
C GLU F 38 -15.39 -10.23 -0.59
N PHE F 39 -16.57 -9.81 -1.04
CA PHE F 39 -16.69 -8.84 -2.12
C PHE F 39 -17.46 -7.60 -1.69
N LYS F 40 -17.03 -6.41 -2.09
CA LYS F 40 -17.82 -5.23 -1.95
C LYS F 40 -17.71 -4.39 -3.22
N LEU F 41 -18.79 -3.71 -3.50
CA LEU F 41 -18.71 -2.66 -4.51
C LEU F 41 -18.25 -1.40 -3.89
N VAL F 42 -17.10 -0.86 -4.28
CA VAL F 42 -16.59 0.35 -3.68
C VAL F 42 -17.14 1.54 -4.43
N PRO F 43 -17.89 2.44 -3.74
CA PRO F 43 -18.36 3.63 -4.48
C PRO F 43 -17.26 4.65 -4.78
N LEU F 44 -17.27 5.23 -5.96
CA LEU F 44 -16.23 6.18 -6.34
C LEU F 44 -16.69 7.67 -6.24
N GLY F 45 -17.97 7.82 -6.01
CA GLY F 45 -18.59 9.11 -5.73
C GLY F 45 -18.59 10.08 -6.89
N VAL F 46 -18.55 9.55 -8.08
CA VAL F 46 -18.60 10.32 -9.34
C VAL F 46 -19.67 9.77 -10.24
N ALA F 47 -20.33 10.70 -10.95
CA ALA F 47 -21.13 10.35 -12.14
C ALA F 47 -20.68 11.26 -13.23
N MET F 48 -20.71 10.79 -14.46
CA MET F 48 -20.20 11.52 -15.58
C MET F 48 -21.01 11.42 -16.88
N GLU F 49 -20.97 12.52 -17.62
CA GLU F 49 -21.42 12.49 -19.00
C GLU F 49 -20.25 12.45 -19.94
N LEU F 50 -20.00 11.28 -20.51
CA LEU F 50 -18.89 11.13 -21.36
C LEU F 50 -19.19 11.78 -22.67
N PRO F 51 -18.17 12.12 -23.42
CA PRO F 51 -18.49 12.60 -24.74
C PRO F 51 -19.26 11.65 -25.65
N GLU F 52 -19.98 12.23 -26.62
CA GLU F 52 -20.69 11.42 -27.57
C GLU F 52 -19.80 10.45 -28.34
N GLY F 53 -20.18 9.18 -28.48
CA GLY F 53 -19.48 8.20 -29.32
C GLY F 53 -18.36 7.51 -28.49
N TYR F 54 -18.28 7.85 -27.20
CA TYR F 54 -17.21 7.32 -26.34
C TYR F 54 -17.69 6.44 -25.16
N GLU F 55 -16.69 5.74 -24.56
CA GLU F 55 -16.90 4.92 -23.37
C GLU F 55 -15.68 5.11 -22.49
N ALA F 56 -15.84 4.84 -21.19
CA ALA F 56 -14.77 4.76 -20.25
C ALA F 56 -14.37 3.31 -19.88
N HIS F 57 -13.10 3.11 -19.64
CA HIS F 57 -12.60 1.81 -19.18
C HIS F 57 -11.91 2.11 -17.85
N VAL F 58 -12.26 1.31 -16.85
CA VAL F 58 -11.82 1.34 -15.45
C VAL F 58 -11.04 0.08 -15.12
N VAL F 59 -9.82 0.28 -14.63
CA VAL F 59 -8.99 -0.86 -14.24
C VAL F 59 -8.10 -0.50 -13.06
N PRO F 60 -7.71 -1.43 -12.24
CA PRO F 60 -6.95 -1.09 -11.03
C PRO F 60 -5.67 -0.30 -11.30
N ARG F 61 -5.21 0.43 -10.30
CA ARG F 61 -3.94 1.15 -10.44
C ARG F 61 -2.76 0.29 -9.97
N SER F 62 -1.60 0.41 -10.58
CA SER F 62 -0.73 -0.69 -10.58
CA SER F 62 -0.64 -0.65 -10.56
C SER F 62 -0.43 -1.06 -9.11
N SER F 63 -0.49 -0.13 -8.18
CA SER F 63 -0.19 -0.35 -6.79
C SER F 63 -1.41 -0.75 -5.99
N THR F 64 -2.58 -0.88 -6.64
CA THR F 64 -3.78 -1.31 -5.84
C THR F 64 -3.61 -2.59 -5.06
N TYR F 65 -3.08 -3.65 -5.68
CA TYR F 65 -2.95 -4.94 -5.05
C TYR F 65 -1.94 -4.87 -3.87
N LYS F 66 -0.77 -4.28 -4.06
CA LYS F 66 0.18 -4.12 -2.95
C LYS F 66 -0.40 -3.43 -1.71
N ASN F 67 -1.09 -2.35 -1.91
CA ASN F 67 -1.59 -1.60 -0.84
C ASN F 67 -2.89 -2.19 -0.28
N PHE F 68 -3.73 -2.83 -1.13
CA PHE F 68 -5.10 -3.18 -0.61
C PHE F 68 -5.46 -4.67 -0.66
N GLY F 69 -4.74 -5.44 -1.39
CA GLY F 69 -4.96 -6.87 -1.39
C GLY F 69 -6.25 -7.18 -2.09
N VAL F 70 -6.67 -6.31 -3.01
CA VAL F 70 -7.96 -6.52 -3.78
C VAL F 70 -7.66 -6.60 -5.31
N ILE F 71 -8.56 -7.33 -5.98
CA ILE F 71 -8.57 -7.51 -7.41
C ILE F 71 -9.95 -7.04 -7.82
N GLN F 72 -10.04 -6.66 -9.08
CA GLN F 72 -11.20 -6.15 -9.65
C GLN F 72 -11.99 -7.29 -10.38
N THR F 73 -13.17 -7.64 -9.87
CA THR F 73 -13.85 -8.90 -10.23
C THR F 73 -14.27 -8.99 -11.71
N ASN F 74 -14.56 -7.83 -12.30
CA ASN F 74 -14.93 -7.74 -13.69
C ASN F 74 -13.76 -7.48 -14.60
N SER F 75 -12.51 -7.50 -14.05
CA SER F 75 -11.27 -7.19 -14.82
C SER F 75 -11.15 -5.78 -15.27
N MET F 76 -11.95 -5.37 -16.22
CA MET F 76 -12.00 -3.98 -16.68
C MET F 76 -13.49 -3.59 -16.79
N GLY F 77 -13.87 -2.47 -16.16
CA GLY F 77 -15.22 -1.93 -16.15
C GLY F 77 -15.44 -1.15 -17.43
N VAL F 78 -16.56 -1.35 -18.08
CA VAL F 78 -17.01 -0.49 -19.20
C VAL F 78 -18.14 0.42 -18.81
N ILE F 79 -17.94 1.71 -19.02
CA ILE F 79 -18.92 2.73 -18.77
C ILE F 79 -19.37 3.33 -20.11
N ASP F 80 -20.57 2.97 -20.56
CA ASP F 80 -21.09 3.45 -21.86
C ASP F 80 -21.52 4.91 -21.77
N GLU F 81 -21.43 5.64 -22.85
CA GLU F 81 -21.92 7.01 -22.91
C GLU F 81 -23.29 7.17 -22.33
N SER F 82 -24.13 6.17 -22.49
CA SER F 82 -25.50 6.32 -21.99
C SER F 82 -25.63 6.34 -20.51
N TYR F 83 -24.59 5.94 -19.76
CA TYR F 83 -24.64 5.91 -18.29
C TYR F 83 -24.25 7.30 -17.79
N LYS F 84 -25.16 8.24 -18.01
CA LYS F 84 -24.94 9.66 -17.83
C LYS F 84 -26.11 10.29 -17.09
N GLY F 85 -26.91 9.49 -16.40
CA GLY F 85 -27.94 10.03 -15.55
C GLY F 85 -27.45 10.67 -14.30
N ASP F 86 -28.38 11.28 -13.57
CA ASP F 86 -28.02 12.08 -12.41
C ASP F 86 -27.80 11.18 -11.18
N ASN F 87 -28.29 9.95 -11.22
CA ASN F 87 -27.97 8.92 -10.22
C ASN F 87 -27.03 7.79 -10.75
N ASP F 88 -26.32 8.05 -11.82
CA ASP F 88 -25.49 7.03 -12.42
C ASP F 88 -24.05 7.04 -11.89
N PHE F 89 -23.87 6.66 -10.67
CA PHE F 89 -22.55 6.79 -10.00
C PHE F 89 -21.69 5.54 -10.34
N TRP F 90 -20.37 5.74 -10.36
CA TRP F 90 -19.40 4.71 -10.68
C TRP F 90 -19.00 3.94 -9.41
N PHE F 91 -18.77 2.64 -9.58
CA PHE F 91 -18.36 1.71 -8.51
C PHE F 91 -17.12 0.89 -8.96
N PHE F 92 -16.27 0.47 -8.03
CA PHE F 92 -15.21 -0.41 -8.35
C PHE F 92 -15.51 -1.73 -7.68
N PRO F 93 -15.73 -2.82 -8.43
CA PRO F 93 -16.09 -4.14 -7.87
C PRO F 93 -14.82 -4.96 -7.29
N ALA F 94 -14.68 -4.99 -5.96
CA ALA F 94 -13.43 -5.37 -5.27
C ALA F 94 -13.71 -6.69 -4.61
N TYR F 95 -12.83 -7.66 -4.86
CA TYR F 95 -12.71 -8.91 -4.16
C TYR F 95 -11.42 -8.94 -3.34
N ALA F 96 -11.52 -9.11 -2.03
CA ALA F 96 -10.30 -9.08 -1.20
C ALA F 96 -9.61 -10.45 -1.10
N LEU F 97 -8.30 -10.40 -1.36
CA LEU F 97 -7.43 -11.57 -1.21
C LEU F 97 -6.89 -11.69 0.20
N ARG F 98 -7.00 -10.60 0.95
CA ARG F 98 -6.80 -10.60 2.40
CA ARG F 98 -6.74 -10.55 2.39
C ARG F 98 -7.67 -9.56 3.06
N ASP F 99 -7.76 -9.63 4.39
CA ASP F 99 -8.50 -8.60 5.11
C ASP F 99 -7.88 -7.24 4.72
N THR F 100 -8.73 -6.26 4.47
CA THR F 100 -8.30 -4.99 4.02
C THR F 100 -9.24 -3.89 4.49
N LYS F 101 -8.73 -2.67 4.54
CA LYS F 101 -9.51 -1.53 4.88
C LYS F 101 -9.22 -0.42 3.87
N ILE F 102 -10.22 0.00 3.13
CA ILE F 102 -10.07 1.08 2.19
C ILE F 102 -10.64 2.30 2.87
N LYS F 103 -9.97 3.43 2.75
CA LYS F 103 -10.45 4.67 3.34
C LYS F 103 -10.95 5.65 2.33
N LYS F 104 -11.88 6.45 2.78
CA LYS F 104 -12.41 7.49 1.96
C LYS F 104 -11.27 8.33 1.45
N GLY F 105 -11.30 8.64 0.17
CA GLY F 105 -10.29 9.43 -0.49
C GLY F 105 -9.13 8.67 -1.13
N ASP F 106 -8.99 7.41 -0.76
CA ASP F 106 -7.99 6.50 -1.30
C ASP F 106 -8.16 6.36 -2.83
N ARG F 107 -7.09 6.58 -3.56
CA ARG F 107 -7.06 6.31 -4.99
C ARG F 107 -7.07 4.75 -5.16
N ILE F 108 -8.07 4.23 -5.82
CA ILE F 108 -8.26 2.78 -5.90
C ILE F 108 -8.26 2.23 -7.29
N CYS F 109 -8.57 3.05 -8.27
CA CYS F 109 -8.58 2.60 -9.68
C CYS F 109 -8.45 3.80 -10.59
N GLN F 110 -8.42 3.55 -11.89
CA GLN F 110 -8.13 4.53 -12.83
C GLN F 110 -8.96 4.31 -14.10
N PHE F 111 -9.13 5.42 -14.80
CA PHE F 111 -9.93 5.39 -16.04
C PHE F 111 -9.36 6.23 -17.19
N ARG F 112 -9.74 5.80 -18.36
CA ARG F 112 -9.63 6.61 -19.60
C ARG F 112 -10.85 6.47 -20.46
N ILE F 113 -10.96 7.35 -21.45
CA ILE F 113 -12.00 7.21 -22.49
C ILE F 113 -11.43 6.66 -23.74
N MET F 114 -12.29 5.98 -24.51
CA MET F 114 -11.95 5.46 -25.78
C MET F 114 -13.20 5.60 -26.67
N LYS F 115 -12.98 5.80 -27.96
CA LYS F 115 -14.07 5.82 -28.93
C LYS F 115 -14.72 4.44 -28.98
N LYS F 116 -16.03 4.39 -29.07
CA LYS F 116 -16.71 3.11 -29.20
C LYS F 116 -16.43 2.49 -30.56
N MET F 117 -16.68 1.21 -30.66
CA MET F 117 -16.39 0.49 -31.87
C MET F 117 -17.31 1.03 -32.97
N PRO F 118 -16.84 0.91 -34.21
CA PRO F 118 -17.57 1.48 -35.30
C PRO F 118 -18.76 0.60 -35.64
N ALA F 119 -19.69 1.18 -36.36
CA ALA F 119 -20.75 0.47 -36.99
C ALA F 119 -20.22 -0.80 -37.67
N VAL F 120 -20.83 -1.90 -37.27
CA VAL F 120 -20.58 -3.21 -37.78
C VAL F 120 -21.92 -4.00 -37.85
N ASP F 121 -22.02 -5.02 -38.72
CA ASP F 121 -23.23 -5.88 -38.78
C ASP F 121 -22.86 -7.33 -38.62
N LEU F 122 -23.60 -8.04 -37.79
CA LEU F 122 -23.41 -9.45 -37.59
C LEU F 122 -24.19 -10.21 -38.64
N ILE F 123 -23.53 -11.05 -39.44
CA ILE F 123 -24.23 -11.81 -40.47
C ILE F 123 -23.98 -13.27 -40.13
N GLU F 124 -25.02 -14.03 -39.85
CA GLU F 124 -24.86 -15.48 -39.65
C GLU F 124 -24.49 -16.26 -40.93
N VAL F 125 -23.62 -17.24 -40.81
CA VAL F 125 -23.16 -18.06 -41.94
C VAL F 125 -23.09 -19.50 -41.41
N ASP F 126 -23.26 -20.49 -42.28
CA ASP F 126 -23.24 -21.89 -41.86
C ASP F 126 -21.82 -22.43 -41.66
N ARG F 127 -20.88 -21.87 -42.41
CA ARG F 127 -19.47 -22.30 -42.39
C ARG F 127 -18.53 -21.10 -42.45
N LEU F 128 -17.34 -21.20 -41.87
CA LEU F 128 -16.26 -20.25 -42.09
C LEU F 128 -15.06 -20.99 -42.79
#